data_8KH4
#
_entry.id   8KH4
#
_cell.length_a   1.00
_cell.length_b   1.00
_cell.length_c   1.00
_cell.angle_alpha   90.00
_cell.angle_beta   90.00
_cell.angle_gamma   90.00
#
_symmetry.space_group_name_H-M   'P 1'
#
loop_
_entity.id
_entity.type
_entity.pdbx_description
1 polymer 'G-protein coupled receptor 161'
2 polymer 'Guanine nucleotide-binding protein G(olf) subunit alpha,Guanine nucleotide-binding protein G(s) subunit alpha isoforms short'
3 polymer 'Guanine nucleotide-binding protein G(I)/G(S)/G(T) subunit beta-1'
4 polymer 'Nanobody 35'
5 polymer 'Guanine nucleotide-binding protein G(I)/G(S)/G(O) subunit gamma-2'
6 non-polymer CHOLESTEROL
#
loop_
_entity_poly.entity_id
_entity_poly.type
_entity_poly.pdbx_seq_one_letter_code
_entity_poly.pdbx_strand_id
1 'polypeptide(L)'
;DYKDDDDKASLNSSLSCRKELSNLTEEEGGEGGVIITQFIAIIVITIFVCLGNLVIVVTLYKKSYLLTLSNKFVFSLTLS
NFLLSVLVLPFVVTSSIRREWIFGVVWCNFSALLYLLISSASMLTLGVIAIDRYYAVLYPMVYPMKITGNRAVMALVYIW
LHSLIGCLPPLFGWSSVEFDEFKWMCVAAWHREPGYTAFWQIWCALFPFLVMLVCYGFIFRVARVKARKVHCGTVVIVEE
DAQRTGRKNSSTSTSSSGSRRNAFQGVVYSANQCKALITILVVLGAFMVTWGPYMVVIASEALWGKSSVSPSLETWATWL
SFASAVCHPLIYGLWNKTVRKELLGMCFGDRYYREPELEVLFQGPLEVLFQGP
;
A
2 'polypeptide(L)'
;NSKTTEDQRNEEKAQREANKKIEKQLQKDKQVYRATHRLLLLGADNSGKSTIVKQMRILHGGSGGSGGTSGIFETKFQVD
KVNFHMFDVGGQRDERRKWIQCFNDVTAIIFVVDSSDYNRLQEALNLFKSIWNNRWLRTISVILFLNKQDLLAEKVLAGK
SKIEDYFPEFARYTTPEDATPEPGEDPRVTRAKYFIRDEFLRISTASGDGRHYCYPHFTCAVDTENARRIFNDCRDIIQR
MHLRQYELL
;
B
3 'polypeptide(L)'
;HHHHHHLEVLFQGPGSSGSELDQLRQEAEQLKNQIRDARKACADATLSQITNNIDPVGRIQMRTRRTLRGHLAKIYAMHW
GTDSRLLVSASQDGKLIIWDSYTTNKVHAIPLRSSWVMTCAYAPSGNYVACGGLDNICSIYNLKTREGNVRVSRELAGHT
GRLSCCRFLDDNQIVTSSGDTTCALWDIETGQQTTTFTGHTGDVMSLSLAPDTRLFVSGACDASAKLWDVREGMCRQTFT
GHESDINAICFFPNGNAFATGSDDATCRLFDLRADQELMTYSHDNIICGITSVSFSKSGRLLLAGYDDFNCNVWDALKAD
RAGVLAGHDNRVSCLGVTDDGMAVATGSWDSFLKIWN
;
C
4 'polypeptide(L)'
;MKYLLPTAAAGLLLLAAQPAMAQVQLQESGGGLVQPGGSLRLSCAASGFTFSNYKMNWVRQAPGKGLEWVSDISQSGASI
SYTGSVKGRFTISRDNAKNTLYLQMNSLKPEDTAVYYCARCPAPFTRDCFDVTSTTYAYRGQGTQVTVSSHHHHHHEPEA
;
E
5 'polypeptide(L)' MASNNTASIAQARKLVEQLKMEANIDRIKVSKAAADLMAYCEAHAKEDPLLTPVPASENPFREKKFFSAIL D
#
# COMPACT_ATOMS: atom_id res chain seq x y z
N ILE A 35 -28.12 -13.96 47.61
CA ILE A 35 -29.20 -13.29 46.93
C ILE A 35 -29.23 -13.77 45.49
N ILE A 36 -30.40 -13.91 44.91
CA ILE A 36 -30.50 -14.42 43.56
C ILE A 36 -29.85 -13.45 42.63
N THR A 37 -29.77 -12.21 43.04
CA THR A 37 -29.06 -11.25 42.23
C THR A 37 -27.59 -11.62 42.08
N GLN A 38 -26.93 -12.01 43.17
CA GLN A 38 -25.50 -12.33 43.11
C GLN A 38 -25.31 -13.50 42.18
N PHE A 39 -26.22 -14.47 42.23
CA PHE A 39 -26.14 -15.60 41.32
C PHE A 39 -26.34 -15.13 39.93
N ILE A 40 -27.25 -14.20 39.75
CA ILE A 40 -27.56 -13.78 38.41
C ILE A 40 -26.33 -13.18 37.80
N ALA A 41 -25.56 -12.44 38.60
CA ALA A 41 -24.38 -11.78 38.09
C ALA A 41 -23.33 -12.73 37.60
N ILE A 42 -23.11 -13.81 38.29
CA ILE A 42 -22.17 -14.80 37.80
C ILE A 42 -22.67 -15.48 36.56
N ILE A 43 -23.94 -15.77 36.50
CA ILE A 43 -24.44 -16.33 35.29
C ILE A 43 -24.20 -15.39 34.13
N VAL A 44 -23.99 -14.11 34.38
CA VAL A 44 -23.61 -13.21 33.30
C VAL A 44 -22.07 -13.10 33.13
N ILE A 45 -21.32 -12.98 34.21
CA ILE A 45 -19.89 -12.89 34.09
C ILE A 45 -19.31 -14.15 33.48
N THR A 46 -19.79 -15.32 33.83
CA THR A 46 -19.30 -16.55 33.17
C THR A 46 -19.62 -16.63 31.70
N ILE A 47 -20.82 -16.26 31.33
CA ILE A 47 -21.07 -16.33 29.94
C ILE A 47 -20.13 -15.36 29.25
N PHE A 48 -19.85 -14.21 29.82
CA PHE A 48 -18.90 -13.37 29.13
C PHE A 48 -17.50 -13.91 29.05
N VAL A 49 -16.98 -14.45 30.14
CA VAL A 49 -15.59 -14.92 30.18
C VAL A 49 -15.43 -16.10 29.21
N CYS A 50 -16.53 -16.74 28.86
CA CYS A 50 -16.42 -17.82 27.89
C CYS A 50 -16.46 -17.28 26.47
N LEU A 51 -17.45 -16.46 26.14
CA LEU A 51 -17.57 -15.97 24.78
C LEU A 51 -16.42 -15.05 24.42
N GLY A 52 -16.14 -14.04 25.26
CA GLY A 52 -15.14 -13.05 24.94
C GLY A 52 -13.73 -13.59 24.92
N ASN A 53 -13.50 -14.77 25.50
CA ASN A 53 -12.19 -15.38 25.38
C ASN A 53 -12.12 -16.42 24.28
N LEU A 54 -13.16 -17.25 24.11
CA LEU A 54 -13.17 -18.25 23.05
C LEU A 54 -13.17 -17.61 21.67
N VAL A 55 -13.87 -16.48 21.50
CA VAL A 55 -13.87 -15.81 20.19
C VAL A 55 -12.46 -15.38 19.81
N ILE A 56 -11.73 -14.77 20.76
CA ILE A 56 -10.37 -14.36 20.47
C ILE A 56 -9.46 -15.57 20.24
N VAL A 57 -9.67 -16.64 21.01
CA VAL A 57 -8.85 -17.84 20.84
C VAL A 57 -9.02 -18.42 19.44
N VAL A 58 -10.26 -18.56 18.99
CA VAL A 58 -10.50 -19.14 17.68
C VAL A 58 -10.04 -18.18 16.59
N THR A 59 -10.15 -16.87 16.81
CA THR A 59 -9.63 -15.91 15.84
C THR A 59 -8.13 -16.06 15.68
N LEU A 60 -7.40 -16.22 16.78
CA LEU A 60 -5.94 -16.30 16.70
C LEU A 60 -5.48 -17.69 16.25
N TYR A 61 -6.31 -18.72 16.43
CA TYR A 61 -5.89 -20.06 16.06
C TYR A 61 -6.24 -20.38 14.60
N LYS A 62 -7.41 -19.95 14.13
CA LYS A 62 -7.79 -20.25 12.75
C LYS A 62 -6.88 -19.57 11.74
N LYS A 63 -6.07 -18.61 12.18
CA LYS A 63 -5.17 -17.89 11.29
C LYS A 63 -3.95 -17.44 12.11
N SER A 64 -2.79 -18.00 11.79
CA SER A 64 -1.62 -17.88 12.64
C SER A 64 -0.70 -16.73 12.25
N TYR A 65 -0.97 -16.01 11.17
CA TYR A 65 -0.14 -14.86 10.83
C TYR A 65 -0.33 -13.77 11.87
N LEU A 66 -1.44 -13.81 12.60
CA LEU A 66 -1.65 -12.83 13.69
C LEU A 66 -0.82 -13.16 14.84
N LEU A 67 -0.35 -14.38 14.95
CA LEU A 67 0.34 -14.78 16.16
C LEU A 67 1.71 -14.31 16.25
N THR A 68 1.89 -13.01 16.15
CA THR A 68 3.18 -12.43 16.36
C THR A 68 3.37 -12.49 17.81
N LEU A 69 4.42 -11.92 18.33
CA LEU A 69 4.64 -12.10 19.74
C LEU A 69 3.50 -11.56 20.62
N SER A 70 3.01 -10.39 20.30
CA SER A 70 1.94 -9.86 21.07
C SER A 70 0.75 -10.63 20.95
N ASN A 71 0.38 -11.00 19.78
CA ASN A 71 -0.82 -11.73 19.78
C ASN A 71 -0.68 -13.07 20.42
N LYS A 72 0.47 -13.67 20.45
CA LYS A 72 0.60 -14.89 21.20
C LYS A 72 0.39 -14.65 22.67
N PHE A 73 1.01 -13.62 23.29
CA PHE A 73 0.73 -13.42 24.69
C PHE A 73 -0.74 -13.20 24.84
N VAL A 74 -1.40 -12.54 23.91
CA VAL A 74 -2.85 -12.39 24.00
C VAL A 74 -3.61 -13.70 23.81
N PHE A 75 -3.11 -14.63 23.00
CA PHE A 75 -3.72 -15.95 22.80
C PHE A 75 -3.62 -16.80 24.06
N SER A 76 -2.46 -16.78 24.72
CA SER A 76 -2.31 -17.51 25.96
C SER A 76 -3.27 -17.00 27.03
N LEU A 77 -3.37 -15.67 27.14
CA LEU A 77 -4.29 -15.07 28.11
C LEU A 77 -5.72 -15.53 27.86
N THR A 78 -6.19 -15.39 26.62
CA THR A 78 -7.58 -15.74 26.31
C THR A 78 -7.82 -17.24 26.45
N LEU A 79 -6.85 -18.07 26.06
CA LEU A 79 -7.02 -19.51 26.20
C LEU A 79 -7.10 -19.92 27.67
N SER A 80 -6.22 -19.37 28.51
CA SER A 80 -6.28 -19.69 29.92
C SER A 80 -7.60 -19.22 30.54
N ASN A 81 -8.06 -18.02 30.16
CA ASN A 81 -9.31 -17.54 30.73
C ASN A 81 -10.50 -18.37 30.26
N PHE A 82 -10.46 -18.86 29.02
CA PHE A 82 -11.53 -19.75 28.55
C PHE A 82 -11.50 -21.08 29.29
N LEU A 83 -10.30 -21.61 29.55
CA LEU A 83 -10.19 -22.82 30.35
C LEU A 83 -10.75 -22.60 31.74
N LEU A 84 -10.50 -21.43 32.32
CA LEU A 84 -11.07 -21.10 33.63
C LEU A 84 -12.58 -21.05 33.56
N SER A 85 -13.12 -20.43 32.52
CA SER A 85 -14.57 -20.31 32.36
C SER A 85 -15.23 -21.66 32.16
N VAL A 86 -14.53 -22.63 31.57
CA VAL A 86 -15.12 -23.94 31.34
C VAL A 86 -14.94 -24.86 32.54
N LEU A 87 -13.78 -24.82 33.18
CA LEU A 87 -13.43 -25.81 34.20
C LEU A 87 -13.60 -25.32 35.63
N VAL A 88 -13.90 -24.04 35.85
CA VAL A 88 -14.02 -23.54 37.22
C VAL A 88 -15.37 -22.86 37.42
N LEU A 89 -15.70 -21.91 36.54
CA LEU A 89 -16.90 -21.09 36.71
C LEU A 89 -18.20 -21.88 36.82
N PRO A 90 -18.47 -22.93 36.02
CA PRO A 90 -19.72 -23.68 36.22
C PRO A 90 -19.82 -24.26 37.62
N PHE A 91 -18.71 -24.72 38.19
CA PHE A 91 -18.72 -25.23 39.55
C PHE A 91 -18.94 -24.11 40.56
N VAL A 92 -18.44 -22.91 40.28
CA VAL A 92 -18.74 -21.76 41.14
C VAL A 92 -20.24 -21.48 41.12
N VAL A 93 -20.85 -21.52 39.94
CA VAL A 93 -22.28 -21.26 39.81
C VAL A 93 -23.08 -22.32 40.58
N THR A 94 -22.72 -23.60 40.40
CA THR A 94 -23.44 -24.66 41.08
C THR A 94 -23.26 -24.57 42.59
N SER A 95 -22.07 -24.19 43.05
CA SER A 95 -21.85 -24.03 44.48
C SER A 95 -22.66 -22.88 45.04
N SER A 96 -22.74 -21.77 44.30
CA SER A 96 -23.51 -20.62 44.77
C SER A 96 -24.99 -20.96 44.85
N ILE A 97 -25.53 -21.64 43.85
CA ILE A 97 -26.96 -21.99 43.87
C ILE A 97 -27.23 -23.05 44.93
N ARG A 98 -26.36 -24.05 45.04
CA ARG A 98 -26.55 -25.15 45.98
C ARG A 98 -26.11 -24.82 47.39
N ARG A 99 -25.47 -23.67 47.60
CA ARG A 99 -25.05 -23.20 48.93
C ARG A 99 -24.00 -24.10 49.56
N GLU A 100 -23.61 -25.17 48.86
CA GLU A 100 -22.67 -26.15 49.40
C GLU A 100 -21.88 -26.78 48.27
N TRP A 101 -20.73 -27.35 48.62
CA TRP A 101 -19.89 -28.08 47.68
C TRP A 101 -20.42 -29.51 47.51
N ILE A 102 -20.50 -29.97 46.26
CA ILE A 102 -21.09 -31.26 45.96
C ILE A 102 -20.19 -32.08 45.05
N PHE A 103 -18.91 -31.70 44.94
CA PHE A 103 -18.01 -32.32 43.98
C PHE A 103 -16.84 -33.05 44.61
N GLY A 104 -16.73 -33.08 45.93
CA GLY A 104 -15.71 -33.86 46.59
C GLY A 104 -14.43 -33.09 46.82
N VAL A 105 -13.60 -33.63 47.71
CA VAL A 105 -12.39 -32.93 48.15
C VAL A 105 -11.37 -32.87 47.01
N VAL A 106 -11.21 -33.97 46.27
CA VAL A 106 -10.19 -33.99 45.21
C VAL A 106 -10.54 -33.00 44.11
N TRP A 107 -11.81 -32.95 43.71
CA TRP A 107 -12.21 -32.00 42.69
C TRP A 107 -12.21 -30.57 43.22
N CYS A 108 -12.50 -30.39 44.50
CA CYS A 108 -12.37 -29.06 45.09
C CYS A 108 -10.93 -28.57 45.01
N ASN A 109 -9.99 -29.44 45.35
CA ASN A 109 -8.57 -29.09 45.27
C ASN A 109 -8.17 -28.77 43.83
N PHE A 110 -8.60 -29.61 42.88
CA PHE A 110 -8.25 -29.36 41.49
C PHE A 110 -8.84 -28.05 40.99
N SER A 111 -10.11 -27.77 41.31
CA SER A 111 -10.75 -26.55 40.83
C SER A 111 -10.09 -25.32 41.43
N ALA A 112 -9.77 -25.34 42.73
CA ALA A 112 -9.09 -24.19 43.32
C ALA A 112 -7.69 -24.01 42.74
N LEU A 113 -6.98 -25.12 42.49
CA LEU A 113 -5.66 -25.02 41.89
C LEU A 113 -5.73 -24.41 40.50
N LEU A 114 -6.70 -24.86 39.69
CA LEU A 114 -6.87 -24.28 38.36
C LEU A 114 -7.26 -22.80 38.45
N TYR A 115 -8.14 -22.44 39.37
CA TYR A 115 -8.53 -21.04 39.50
C TYR A 115 -7.33 -20.17 39.85
N LEU A 116 -6.53 -20.59 40.82
CA LEU A 116 -5.35 -19.82 41.20
C LEU A 116 -4.36 -19.74 40.04
N LEU A 117 -4.11 -20.87 39.37
CA LEU A 117 -3.14 -20.90 38.28
C LEU A 117 -3.57 -19.98 37.14
N ILE A 118 -4.83 -20.06 36.75
CA ILE A 118 -5.32 -19.26 35.63
C ILE A 118 -5.35 -17.79 35.98
N SER A 119 -5.78 -17.46 37.21
CA SER A 119 -5.80 -16.05 37.60
C SER A 119 -4.40 -15.48 37.60
N SER A 120 -3.43 -16.22 38.14
CA SER A 120 -2.05 -15.74 38.13
C SER A 120 -1.53 -15.58 36.71
N ALA A 121 -1.79 -16.56 35.85
CA ALA A 121 -1.31 -16.50 34.47
C ALA A 121 -1.93 -15.33 33.72
N SER A 122 -3.24 -15.13 33.87
CA SER A 122 -3.91 -14.05 33.17
C SER A 122 -3.45 -12.68 33.68
N MET A 123 -3.21 -12.55 34.98
CA MET A 123 -2.75 -11.26 35.51
C MET A 123 -1.31 -10.99 35.12
N LEU A 124 -0.49 -12.04 35.01
CA LEU A 124 0.90 -11.88 34.59
C LEU A 124 1.04 -11.64 33.10
N THR A 125 0.12 -12.18 32.29
CA THR A 125 0.14 -11.88 30.86
C THR A 125 -0.08 -10.40 30.60
N LEU A 126 -0.85 -9.73 31.46
CA LEU A 126 -1.00 -8.28 31.34
C LEU A 126 0.33 -7.58 31.52
N GLY A 127 1.11 -8.00 32.52
CA GLY A 127 2.42 -7.41 32.72
C GLY A 127 3.37 -7.68 31.57
N VAL A 128 3.31 -8.90 31.02
CA VAL A 128 4.17 -9.23 29.89
C VAL A 128 3.76 -8.42 28.66
N ILE A 129 2.46 -8.24 28.43
CA ILE A 129 2.01 -7.42 27.31
C ILE A 129 2.43 -5.97 27.50
N ALA A 130 2.36 -5.46 28.73
CA ALA A 130 2.83 -4.11 29.00
C ALA A 130 4.32 -3.97 28.76
N ILE A 131 5.12 -4.98 29.12
CA ILE A 131 6.55 -4.96 28.81
C ILE A 131 6.77 -4.94 27.30
N ASP A 132 6.00 -5.75 26.57
CA ASP A 132 6.12 -5.78 25.11
C ASP A 132 5.81 -4.41 24.51
N ARG A 133 4.74 -3.77 24.99
CA ARG A 133 4.39 -2.45 24.47
C ARG A 133 5.43 -1.41 24.87
N TYR A 134 6.01 -1.53 26.07
CA TYR A 134 7.09 -0.65 26.45
C TYR A 134 8.28 -0.78 25.51
N TYR A 135 8.63 -2.01 25.14
CA TYR A 135 9.74 -2.20 24.22
C TYR A 135 9.40 -1.69 22.82
N ALA A 136 8.15 -1.88 22.38
CA ALA A 136 7.78 -1.47 21.03
C ALA A 136 7.63 0.03 20.91
N VAL A 137 7.31 0.73 22.00
CA VAL A 137 7.13 2.18 21.99
C VAL A 137 8.40 2.93 22.31
N LEU A 138 9.14 2.53 23.34
CA LEU A 138 10.36 3.22 23.68
C LEU A 138 11.53 2.84 22.78
N TYR A 139 11.56 1.61 22.30
CA TYR A 139 12.69 1.09 21.53
C TYR A 139 12.15 0.48 20.23
N PRO A 140 11.76 1.33 19.27
CA PRO A 140 11.11 0.80 18.06
C PRO A 140 12.08 0.32 17.00
N MET A 141 13.31 0.85 16.94
CA MET A 141 14.29 0.34 15.99
C MET A 141 14.75 -1.06 16.38
N VAL A 142 15.12 -1.26 17.65
CA VAL A 142 15.65 -2.55 18.08
C VAL A 142 14.56 -3.50 18.53
N TYR A 143 13.29 -3.14 18.35
CA TYR A 143 12.21 -4.03 18.75
C TYR A 143 12.23 -5.37 18.02
N PRO A 144 12.37 -5.44 16.69
CA PRO A 144 12.43 -6.76 16.03
C PRO A 144 13.62 -7.60 16.45
N MET A 145 14.66 -7.00 17.03
CA MET A 145 15.85 -7.74 17.44
C MET A 145 15.84 -8.06 18.93
N LYS A 146 15.54 -7.09 19.78
CA LYS A 146 15.56 -7.32 21.22
C LYS A 146 14.42 -8.22 21.68
N ILE A 147 13.32 -8.28 20.92
CA ILE A 147 12.21 -9.18 21.20
C ILE A 147 12.05 -10.08 19.98
N THR A 148 12.15 -11.39 20.19
CA THR A 148 12.16 -12.37 19.12
C THR A 148 11.15 -13.46 19.45
N GLY A 149 10.70 -14.17 18.41
CA GLY A 149 9.75 -15.26 18.62
C GLY A 149 10.25 -16.29 19.60
N ASN A 150 11.55 -16.60 19.55
CA ASN A 150 12.14 -17.46 20.59
C ASN A 150 12.07 -16.80 21.95
N ARG A 151 12.38 -15.51 22.03
CA ARG A 151 12.23 -14.79 23.30
C ARG A 151 10.77 -14.66 23.70
N ALA A 152 9.87 -14.55 22.71
CA ALA A 152 8.44 -14.54 23.03
C ALA A 152 8.01 -15.85 23.66
N VAL A 153 8.49 -16.98 23.13
CA VAL A 153 8.17 -18.28 23.72
C VAL A 153 8.82 -18.40 25.10
N MET A 154 10.03 -17.87 25.27
CA MET A 154 10.66 -17.86 26.58
C MET A 154 9.79 -17.13 27.61
N ALA A 155 9.33 -15.93 27.27
CA ALA A 155 8.45 -15.18 28.16
C ALA A 155 7.11 -15.87 28.39
N LEU A 156 6.54 -16.47 27.35
CA LEU A 156 5.27 -17.18 27.51
C LEU A 156 5.40 -18.35 28.46
N VAL A 157 6.50 -19.10 28.36
CA VAL A 157 6.75 -20.21 29.27
C VAL A 157 7.02 -19.68 30.68
N TYR A 158 7.74 -18.56 30.79
CA TYR A 158 7.97 -17.96 32.09
C TYR A 158 6.68 -17.53 32.76
N ILE A 159 5.68 -17.13 31.97
CA ILE A 159 4.38 -16.77 32.54
C ILE A 159 3.82 -17.93 33.36
N TRP A 160 3.76 -19.11 32.75
CA TRP A 160 3.19 -20.26 33.45
C TRP A 160 4.12 -20.81 34.51
N LEU A 161 5.43 -20.66 34.33
CA LEU A 161 6.36 -21.04 35.40
C LEU A 161 6.14 -20.18 36.64
N HIS A 162 5.98 -18.87 36.45
CA HIS A 162 5.70 -17.98 37.57
C HIS A 162 4.35 -18.31 38.20
N SER A 163 3.34 -18.61 37.38
CA SER A 163 2.04 -19.00 37.91
C SER A 163 2.14 -20.27 38.74
N LEU A 164 2.91 -21.25 38.27
CA LEU A 164 3.04 -22.50 39.01
C LEU A 164 3.85 -22.30 40.29
N ILE A 165 4.85 -21.41 40.27
CA ILE A 165 5.56 -21.07 41.50
C ILE A 165 4.61 -20.40 42.48
N GLY A 166 3.63 -19.65 41.97
CA GLY A 166 2.65 -19.03 42.86
C GLY A 166 1.60 -20.01 43.35
N CYS A 167 1.37 -21.10 42.60
CA CYS A 167 0.24 -21.98 42.86
C CYS A 167 0.61 -23.32 43.48
N LEU A 168 1.90 -23.68 43.53
CA LEU A 168 2.24 -25.00 44.07
C LEU A 168 2.10 -25.18 45.59
N PRO A 169 2.22 -24.14 46.43
CA PRO A 169 2.14 -24.37 47.89
C PRO A 169 0.87 -25.09 48.30
N PRO A 170 -0.28 -24.85 47.65
CA PRO A 170 -1.44 -25.72 47.94
C PRO A 170 -1.14 -27.20 47.76
N LEU A 171 -0.38 -27.57 46.73
CA LEU A 171 0.08 -28.96 46.61
C LEU A 171 1.05 -29.30 47.73
N PHE A 172 1.92 -28.36 48.09
CA PHE A 172 2.89 -28.56 49.16
C PHE A 172 2.28 -28.43 50.55
N GLY A 173 1.00 -28.07 50.64
CA GLY A 173 0.36 -27.94 51.93
C GLY A 173 0.84 -26.80 52.80
N TRP A 174 1.22 -25.67 52.19
CA TRP A 174 1.46 -24.47 52.98
C TRP A 174 0.18 -24.02 53.66
N SER A 175 -0.95 -24.25 52.97
CA SER A 175 -2.28 -23.98 53.57
C SER A 175 -3.27 -24.87 52.84
N SER A 176 -4.55 -24.53 52.81
CA SER A 176 -5.54 -25.43 52.26
C SER A 176 -6.60 -24.86 51.37
N VAL A 177 -7.18 -25.69 50.54
CA VAL A 177 -8.24 -25.26 49.69
C VAL A 177 -9.53 -25.82 50.25
N GLU A 178 -10.49 -24.97 50.56
CA GLU A 178 -11.79 -25.41 51.05
C GLU A 178 -12.90 -24.48 50.58
N PHE A 179 -14.09 -24.98 50.31
CA PHE A 179 -15.19 -24.13 49.97
C PHE A 179 -15.30 -23.01 50.96
N ASP A 180 -15.29 -21.76 50.50
CA ASP A 180 -15.36 -20.57 51.36
C ASP A 180 -16.73 -20.12 51.07
N GLU A 181 -17.56 -20.00 52.09
CA GLU A 181 -18.94 -19.72 51.82
C GLU A 181 -19.30 -18.43 51.17
N PHE A 182 -18.78 -17.33 51.63
CA PHE A 182 -19.19 -16.17 50.95
C PHE A 182 -18.62 -16.03 49.56
N LYS A 183 -17.36 -16.40 49.34
CA LYS A 183 -16.79 -16.39 48.01
C LYS A 183 -17.56 -17.32 47.09
N TRP A 184 -18.18 -18.37 47.61
CA TRP A 184 -18.95 -19.38 46.84
C TRP A 184 -18.20 -20.40 46.00
N MET A 185 -16.98 -20.76 46.35
CA MET A 185 -16.18 -21.72 45.60
C MET A 185 -14.90 -21.90 46.33
N CYS A 186 -14.25 -23.03 46.18
CA CYS A 186 -13.07 -23.33 47.00
C CYS A 186 -11.91 -22.61 46.52
N VAL A 187 -11.16 -22.05 47.39
CA VAL A 187 -9.97 -21.47 46.97
C VAL A 187 -9.33 -21.50 48.26
N ALA A 188 -8.10 -21.15 48.28
CA ALA A 188 -7.37 -21.25 49.49
C ALA A 188 -7.91 -20.47 50.66
N ALA A 189 -7.68 -20.98 51.85
CA ALA A 189 -8.15 -20.31 53.02
C ALA A 189 -7.16 -19.27 53.25
N TRP A 190 -7.59 -18.05 53.03
CA TRP A 190 -6.69 -16.98 53.21
C TRP A 190 -6.64 -16.70 54.70
N HIS A 191 -7.78 -16.69 55.39
CA HIS A 191 -7.81 -16.36 56.80
C HIS A 191 -6.91 -17.29 57.62
N ARG A 192 -6.93 -18.59 57.30
CA ARG A 192 -6.16 -19.55 58.08
C ARG A 192 -4.66 -19.33 57.93
N GLU A 193 -4.21 -18.93 56.73
CA GLU A 193 -2.80 -18.70 56.46
C GLU A 193 -2.60 -17.31 55.86
N PRO A 194 -2.39 -16.29 56.69
CA PRO A 194 -2.07 -14.96 56.15
C PRO A 194 -0.77 -14.93 55.34
N GLY A 195 0.18 -15.80 55.68
CA GLY A 195 1.44 -15.81 54.95
C GLY A 195 1.28 -16.16 53.49
N TYR A 196 0.49 -17.20 53.19
CA TYR A 196 0.25 -17.56 51.79
C TYR A 196 -0.53 -16.47 51.06
N THR A 197 -1.48 -15.83 51.73
CA THR A 197 -2.23 -14.75 51.10
C THR A 197 -1.31 -13.60 50.72
N ALA A 198 -0.42 -13.21 51.65
CA ALA A 198 0.54 -12.16 51.36
C ALA A 198 1.49 -12.58 50.24
N PHE A 199 1.92 -13.84 50.25
CA PHE A 199 2.79 -14.33 49.18
C PHE A 199 2.10 -14.24 47.83
N TRP A 200 0.84 -14.66 47.76
CA TRP A 200 0.13 -14.63 46.49
C TRP A 200 -0.08 -13.20 46.02
N GLN A 201 -0.38 -12.30 46.93
CA GLN A 201 -0.55 -10.89 46.58
C GLN A 201 0.74 -10.30 46.03
N ILE A 202 1.86 -10.56 46.71
CA ILE A 202 3.14 -9.98 46.27
C ILE A 202 3.60 -10.63 44.96
N TRP A 203 3.40 -11.94 44.83
CA TRP A 203 3.94 -12.66 43.69
C TRP A 203 3.09 -12.48 42.44
N CYS A 204 1.80 -12.85 42.50
CA CYS A 204 0.97 -12.91 41.32
C CYS A 204 -0.09 -11.82 41.26
N ALA A 205 -0.15 -10.92 42.24
CA ALA A 205 -1.11 -9.82 42.23
C ALA A 205 -0.45 -8.45 42.14
N LEU A 206 0.54 -8.08 42.90
CA LEU A 206 1.09 -6.76 42.71
C LEU A 206 2.24 -6.77 41.73
N PHE A 207 2.85 -7.90 41.41
CA PHE A 207 3.88 -7.88 40.39
C PHE A 207 3.35 -7.52 39.03
N PRO A 208 2.26 -8.16 38.66
CA PRO A 208 1.81 -7.69 37.39
C PRO A 208 1.53 -6.24 37.49
N PHE A 209 0.96 -5.63 38.52
CA PHE A 209 0.62 -4.17 38.52
C PHE A 209 1.75 -3.32 38.47
N LEU A 210 2.75 -3.62 39.21
CA LEU A 210 3.81 -2.71 39.11
C LEU A 210 4.30 -2.75 37.68
N VAL A 211 4.51 -3.92 37.08
CA VAL A 211 4.98 -3.83 35.69
C VAL A 211 4.00 -3.12 34.83
N MET A 212 2.72 -3.42 34.91
CA MET A 212 1.80 -2.78 34.00
C MET A 212 1.79 -1.28 34.18
N LEU A 213 1.73 -0.74 35.38
CA LEU A 213 1.71 0.70 35.48
C LEU A 213 2.98 1.31 35.09
N VAL A 214 4.10 0.76 35.46
CA VAL A 214 5.29 1.44 35.08
C VAL A 214 5.36 1.51 33.57
N CYS A 215 5.10 0.41 32.92
CA CYS A 215 5.23 0.52 31.54
C CYS A 215 4.23 1.48 30.99
N TYR A 216 2.95 1.47 31.34
CA TYR A 216 2.03 2.41 30.70
C TYR A 216 2.34 3.85 31.01
N GLY A 217 2.81 4.16 32.17
CA GLY A 217 3.28 5.52 32.44
C GLY A 217 4.49 5.99 31.67
N PHE A 218 5.48 5.14 31.49
CA PHE A 218 6.56 5.50 30.58
C PHE A 218 6.00 5.67 29.12
N ILE A 219 5.09 4.80 28.70
CA ILE A 219 4.63 4.91 27.38
C ILE A 219 4.01 6.25 27.38
N PHE A 220 3.39 6.70 28.45
CA PHE A 220 2.75 8.06 28.56
C PHE A 220 3.61 9.26 28.54
N ARG A 221 4.74 9.22 29.21
CA ARG A 221 5.58 10.33 29.10
C ARG A 221 5.75 10.40 27.64
N VAL A 222 6.09 9.28 27.01
CA VAL A 222 6.40 9.42 25.57
C VAL A 222 5.27 9.95 24.76
N ALA A 223 4.09 9.47 24.96
CA ALA A 223 3.00 9.93 24.17
C ALA A 223 2.54 11.30 24.40
N ARG A 224 2.50 11.82 25.62
CA ARG A 224 2.11 13.20 25.73
C ARG A 224 3.19 14.02 25.05
N VAL A 225 4.46 13.66 25.24
CA VAL A 225 5.43 14.50 24.57
C VAL A 225 5.15 14.50 23.09
N LYS A 226 4.90 13.33 22.55
CA LYS A 226 4.72 13.26 21.12
C LYS A 226 3.55 13.95 20.62
N ALA A 227 2.44 13.90 21.28
CA ALA A 227 1.33 14.55 20.63
C ALA A 227 0.32 15.46 21.32
N CYS A 274 -4.87 13.69 24.43
CA CYS A 274 -5.66 13.36 25.62
C CYS A 274 -6.09 11.90 25.59
N LYS A 275 -6.01 11.27 24.42
CA LYS A 275 -6.35 9.87 24.29
C LYS A 275 -5.39 8.97 25.06
N ALA A 276 -4.15 9.42 25.26
CA ALA A 276 -3.21 8.65 26.07
C ALA A 276 -3.73 8.46 27.48
N LEU A 277 -4.26 9.53 28.08
CA LEU A 277 -4.87 9.40 29.40
C LEU A 277 -6.03 8.42 29.37
N ILE A 278 -6.87 8.50 28.33
CA ILE A 278 -8.03 7.61 28.24
C ILE A 278 -7.59 6.16 28.23
N THR A 279 -6.59 5.82 27.40
CA THR A 279 -6.20 4.42 27.25
C THR A 279 -5.42 3.92 28.46
N ILE A 280 -4.50 4.73 28.99
CA ILE A 280 -3.81 4.33 30.21
C ILE A 280 -4.81 4.09 31.33
N LEU A 281 -5.77 5.01 31.48
CA LEU A 281 -6.74 4.88 32.56
C LEU A 281 -7.63 3.67 32.37
N VAL A 282 -8.08 3.40 31.15
CA VAL A 282 -8.95 2.23 30.97
C VAL A 282 -8.18 0.94 31.22
N VAL A 283 -6.94 0.85 30.72
CA VAL A 283 -6.16 -0.37 30.89
C VAL A 283 -5.84 -0.61 32.36
N LEU A 284 -5.40 0.43 33.06
CA LEU A 284 -5.05 0.25 34.46
C LEU A 284 -6.30 0.07 35.33
N GLY A 285 -7.39 0.76 34.97
CA GLY A 285 -8.58 0.75 35.80
C GLY A 285 -9.40 -0.51 35.69
N ALA A 286 -9.41 -1.15 34.53
CA ALA A 286 -10.04 -2.47 34.45
C ALA A 286 -9.36 -3.43 35.43
N PHE A 287 -8.04 -3.46 35.42
CA PHE A 287 -7.27 -4.30 36.33
C PHE A 287 -7.58 -3.93 37.78
N MET A 288 -7.52 -2.64 38.11
CA MET A 288 -7.76 -2.23 39.49
C MET A 288 -9.17 -2.58 39.94
N VAL A 289 -10.18 -2.17 39.18
CA VAL A 289 -11.57 -2.39 39.56
C VAL A 289 -11.84 -3.88 39.73
N THR A 290 -11.31 -4.71 38.83
CA THR A 290 -11.66 -6.12 38.91
C THR A 290 -10.88 -6.87 39.98
N TRP A 291 -9.62 -6.54 40.23
CA TRP A 291 -8.82 -7.37 41.11
C TRP A 291 -8.55 -6.76 42.49
N GLY A 292 -8.47 -5.43 42.60
CA GLY A 292 -8.18 -4.79 43.87
C GLY A 292 -9.17 -5.03 44.98
N PRO A 293 -10.49 -4.99 44.72
CA PRO A 293 -11.44 -5.34 45.77
C PRO A 293 -11.21 -6.74 46.34
N TYR A 294 -10.89 -7.71 45.49
CA TYR A 294 -10.59 -9.05 45.99
C TYR A 294 -9.31 -9.05 46.81
N MET A 295 -8.31 -8.27 46.40
CA MET A 295 -7.10 -8.16 47.20
C MET A 295 -7.41 -7.58 48.57
N VAL A 296 -8.25 -6.55 48.64
CA VAL A 296 -8.62 -5.96 49.92
C VAL A 296 -9.37 -6.98 50.78
N VAL A 297 -10.30 -7.71 50.17
CA VAL A 297 -11.07 -8.70 50.90
C VAL A 297 -10.17 -9.78 51.50
N ILE A 298 -9.30 -10.34 50.66
CA ILE A 298 -8.43 -11.42 51.14
C ILE A 298 -7.41 -10.92 52.14
N ALA A 299 -6.91 -9.69 51.96
CA ALA A 299 -5.99 -9.12 52.94
C ALA A 299 -6.66 -8.91 54.29
N SER A 300 -7.90 -8.40 54.28
CA SER A 300 -8.64 -8.23 55.52
C SER A 300 -8.91 -9.57 56.19
N GLU A 301 -9.29 -10.57 55.40
CA GLU A 301 -9.56 -11.90 55.96
C GLU A 301 -8.29 -12.51 56.54
N ALA A 302 -7.15 -12.32 55.88
CA ALA A 302 -5.89 -12.84 56.40
C ALA A 302 -5.46 -12.12 57.67
N LEU A 303 -5.66 -10.80 57.72
CA LEU A 303 -5.18 -10.01 58.85
C LEU A 303 -6.22 -9.94 59.96
N TRP A 304 -7.43 -9.47 59.65
CA TRP A 304 -8.47 -9.29 60.65
C TRP A 304 -9.36 -10.52 60.84
N GLY A 305 -9.11 -11.59 60.10
CA GLY A 305 -9.89 -12.80 60.25
C GLY A 305 -11.20 -12.75 59.48
N LYS A 306 -11.88 -13.89 59.47
CA LYS A 306 -13.16 -14.00 58.79
C LYS A 306 -14.20 -13.14 59.50
N SER A 307 -15.26 -12.80 58.74
CA SER A 307 -16.38 -11.95 59.15
C SER A 307 -15.99 -10.48 59.26
N SER A 308 -14.72 -10.13 59.02
CA SER A 308 -14.34 -8.72 58.95
C SER A 308 -14.94 -8.05 57.72
N VAL A 309 -15.25 -8.84 56.68
CA VAL A 309 -15.91 -8.36 55.48
C VAL A 309 -17.31 -8.95 55.43
N SER A 310 -18.28 -8.13 55.08
CA SER A 310 -19.66 -8.58 54.99
C SER A 310 -19.81 -9.55 53.83
N PRO A 311 -20.80 -10.46 53.89
CA PRO A 311 -20.95 -11.44 52.80
C PRO A 311 -21.13 -10.81 51.44
N SER A 312 -21.88 -9.71 51.35
CA SER A 312 -22.13 -9.08 50.06
C SER A 312 -20.83 -8.56 49.45
N LEU A 313 -20.01 -7.86 50.25
CA LEU A 313 -18.76 -7.31 49.72
C LEU A 313 -17.82 -8.41 49.26
N GLU A 314 -17.69 -9.48 50.06
CA GLU A 314 -16.83 -10.59 49.67
C GLU A 314 -17.32 -11.27 48.39
N THR A 315 -18.63 -11.49 48.30
CA THR A 315 -19.19 -12.14 47.12
C THR A 315 -18.98 -11.29 45.87
N TRP A 316 -19.20 -9.97 45.99
CA TRP A 316 -19.00 -9.08 44.84
C TRP A 316 -17.52 -8.95 44.49
N ALA A 317 -16.63 -9.02 45.48
CA ALA A 317 -15.20 -9.03 45.18
C ALA A 317 -14.83 -10.27 44.38
N THR A 318 -15.39 -11.42 44.73
CA THR A 318 -15.16 -12.62 43.93
C THR A 318 -15.70 -12.45 42.52
N TRP A 319 -16.89 -11.87 42.38
CA TRP A 319 -17.42 -11.68 41.03
C TRP A 319 -16.58 -10.69 40.23
N LEU A 320 -15.98 -9.71 40.89
CA LEU A 320 -15.08 -8.79 40.20
C LEU A 320 -13.80 -9.50 39.78
N SER A 321 -13.31 -10.42 40.63
CA SER A 321 -12.20 -11.27 40.24
C SER A 321 -12.50 -12.01 38.95
N PHE A 322 -13.70 -12.58 38.87
CA PHE A 322 -14.05 -13.33 37.66
C PHE A 322 -14.39 -12.42 36.48
N ALA A 323 -14.79 -11.16 36.73
CA ALA A 323 -15.01 -10.20 35.67
C ALA A 323 -13.71 -9.64 35.11
N SER A 324 -12.61 -9.79 35.86
CA SER A 324 -11.30 -9.51 35.27
C SER A 324 -11.07 -10.33 34.01
N ALA A 325 -11.63 -11.54 33.97
CA ALA A 325 -11.56 -12.38 32.78
C ALA A 325 -12.48 -11.91 31.66
N VAL A 326 -13.32 -10.91 31.92
CA VAL A 326 -14.02 -10.19 30.85
C VAL A 326 -13.22 -8.98 30.41
N CYS A 327 -12.64 -8.27 31.38
CA CYS A 327 -11.90 -7.05 31.07
C CYS A 327 -10.65 -7.34 30.26
N HIS A 328 -9.93 -8.42 30.57
CA HIS A 328 -8.68 -8.72 29.86
C HIS A 328 -8.89 -8.96 28.37
N PRO A 329 -9.76 -9.89 27.95
CA PRO A 329 -9.86 -10.17 26.51
C PRO A 329 -10.34 -8.99 25.70
N LEU A 330 -11.33 -8.25 26.19
CA LEU A 330 -11.84 -7.11 25.44
C LEU A 330 -10.74 -6.08 25.19
N ILE A 331 -10.06 -5.66 26.25
CA ILE A 331 -9.04 -4.63 26.13
C ILE A 331 -7.88 -5.10 25.26
N TYR A 332 -7.43 -6.34 25.47
CA TYR A 332 -6.21 -6.71 24.78
C TYR A 332 -6.43 -7.36 23.41
N GLY A 333 -7.67 -7.70 23.06
CA GLY A 333 -7.97 -8.14 21.71
C GLY A 333 -8.61 -7.08 20.84
N LEU A 334 -9.67 -6.44 21.34
CA LEU A 334 -10.45 -5.53 20.52
C LEU A 334 -9.86 -4.13 20.44
N TRP A 335 -9.18 -3.68 21.43
CA TRP A 335 -8.61 -2.40 21.29
C TRP A 335 -7.34 -2.51 20.37
N ASN A 336 -6.91 -3.68 19.93
CA ASN A 336 -5.86 -3.84 18.92
C ASN A 336 -6.48 -3.69 17.54
N LYS A 337 -5.93 -2.91 16.62
CA LYS A 337 -6.64 -2.78 15.36
C LYS A 337 -6.62 -4.02 14.54
N THR A 338 -5.50 -4.70 14.36
CA THR A 338 -5.50 -5.84 13.46
C THR A 338 -6.35 -7.03 13.89
N VAL A 339 -6.30 -7.36 15.17
CA VAL A 339 -7.08 -8.46 15.68
C VAL A 339 -8.48 -8.01 15.51
N ARG A 340 -8.75 -6.76 15.80
CA ARG A 340 -10.12 -6.37 15.76
C ARG A 340 -10.59 -6.54 14.38
N LYS A 341 -9.83 -6.12 13.39
CA LYS A 341 -10.33 -6.17 12.03
C LYS A 341 -10.58 -7.57 11.61
N GLU A 342 -9.65 -8.47 11.88
CA GLU A 342 -9.92 -9.80 11.39
C GLU A 342 -11.11 -10.38 12.06
N LEU A 343 -11.24 -10.11 13.33
CA LEU A 343 -12.31 -10.69 14.09
C LEU A 343 -13.62 -10.21 13.61
N LEU A 344 -13.69 -8.93 13.34
CA LEU A 344 -14.91 -8.33 12.94
C LEU A 344 -15.28 -8.91 11.60
N GLY A 345 -14.28 -9.12 10.76
CA GLY A 345 -14.53 -9.72 9.48
C GLY A 345 -15.09 -11.11 9.60
N MET A 346 -14.52 -11.89 10.49
CA MET A 346 -15.00 -13.22 10.69
C MET A 346 -16.43 -13.11 11.21
N GLN B 8 0.82 -42.03 -4.48
CA GLN B 8 0.45 -40.63 -4.38
C GLN B 8 0.78 -40.07 -2.99
N ARG B 9 0.70 -40.93 -1.97
CA ARG B 9 0.97 -40.50 -0.61
C ARG B 9 2.41 -40.04 -0.45
N ASN B 10 3.36 -40.71 -1.09
CA ASN B 10 4.75 -40.30 -1.02
C ASN B 10 4.94 -38.90 -1.59
N GLU B 11 4.28 -38.61 -2.70
CA GLU B 11 4.35 -37.28 -3.30
C GLU B 11 3.77 -36.21 -2.37
N GLU B 12 2.62 -36.49 -1.74
CA GLU B 12 2.06 -35.53 -0.80
C GLU B 12 2.99 -35.30 0.39
N LYS B 13 3.56 -36.37 0.93
CA LYS B 13 4.51 -36.21 2.03
C LYS B 13 5.71 -35.37 1.61
N ALA B 14 6.27 -35.67 0.43
CA ALA B 14 7.43 -34.92 -0.06
C ALA B 14 7.10 -33.45 -0.23
N GLN B 15 5.93 -33.16 -0.79
CA GLN B 15 5.46 -31.78 -0.86
C GLN B 15 5.35 -31.18 0.53
N ARG B 16 4.98 -32.00 1.52
CA ARG B 16 4.87 -31.48 2.88
C ARG B 16 6.22 -31.04 3.44
N GLU B 17 7.28 -31.86 3.30
CA GLU B 17 8.54 -31.35 3.86
C GLU B 17 9.12 -30.24 3.00
N ALA B 18 8.82 -30.23 1.70
CA ALA B 18 9.21 -29.09 0.88
C ALA B 18 8.56 -27.81 1.39
N ASN B 19 7.26 -27.87 1.68
CA ASN B 19 6.56 -26.73 2.25
C ASN B 19 7.15 -26.35 3.60
N LYS B 20 7.49 -27.33 4.43
CA LYS B 20 8.06 -27.04 5.74
C LYS B 20 9.39 -26.31 5.60
N LYS B 21 10.26 -26.79 4.72
CA LYS B 21 11.54 -26.14 4.49
C LYS B 21 11.37 -24.72 3.98
N ILE B 22 10.47 -24.54 3.01
CA ILE B 22 10.27 -23.20 2.44
C ILE B 22 9.65 -22.26 3.47
N GLU B 23 8.73 -22.76 4.30
CA GLU B 23 8.16 -21.93 5.35
C GLU B 23 9.20 -21.54 6.39
N LYS B 24 10.13 -22.45 6.72
CA LYS B 24 11.23 -22.08 7.60
C LYS B 24 12.07 -20.97 6.97
N GLN B 25 12.35 -21.10 5.66
CA GLN B 25 13.12 -20.08 4.97
C GLN B 25 12.40 -18.74 4.97
N LEU B 26 11.08 -18.75 4.75
CA LEU B 26 10.32 -17.51 4.79
C LEU B 26 10.20 -16.93 6.19
N GLN B 27 10.16 -17.76 7.24
CA GLN B 27 10.21 -17.19 8.58
C GLN B 27 11.54 -16.48 8.83
N LYS B 28 12.65 -17.12 8.42
CA LYS B 28 13.95 -16.47 8.55
C LYS B 28 13.99 -15.17 7.75
N ASP B 29 13.43 -15.20 6.53
CA ASP B 29 13.48 -14.03 5.67
C ASP B 29 12.56 -12.93 6.17
N LYS B 30 11.43 -13.28 6.81
CA LYS B 30 10.59 -12.28 7.45
C LYS B 30 11.31 -11.63 8.61
N GLN B 31 12.02 -12.43 9.41
CA GLN B 31 12.80 -11.84 10.50
C GLN B 31 13.86 -10.90 9.96
N VAL B 32 14.46 -11.23 8.82
CA VAL B 32 15.45 -10.35 8.21
C VAL B 32 14.79 -9.10 7.63
N TYR B 33 13.62 -9.27 7.01
CA TYR B 33 12.99 -8.20 6.24
C TYR B 33 12.37 -7.15 7.16
N ARG B 34 11.70 -7.59 8.23
CA ARG B 34 11.08 -6.64 9.15
C ARG B 34 12.12 -5.80 9.90
N ALA B 35 13.34 -6.30 10.02
CA ALA B 35 14.40 -5.55 10.70
C ALA B 35 15.11 -4.56 9.80
N THR B 36 14.80 -4.54 8.51
CA THR B 36 15.40 -3.60 7.57
C THR B 36 14.37 -2.60 7.11
N HIS B 37 14.76 -1.32 7.06
CA HIS B 37 13.88 -0.23 6.70
C HIS B 37 14.27 0.29 5.32
N ARG B 38 13.28 0.41 4.45
CA ARG B 38 13.48 0.90 3.09
C ARG B 38 13.12 2.37 3.01
N LEU B 39 13.98 3.16 2.36
CA LEU B 39 13.79 4.59 2.19
C LEU B 39 13.86 4.93 0.71
N LEU B 40 12.97 5.81 0.26
CA LEU B 40 12.96 6.21 -1.14
C LEU B 40 13.64 7.57 -1.29
N LEU B 41 14.77 7.60 -2.00
CA LEU B 41 15.52 8.83 -2.18
C LEU B 41 15.01 9.55 -3.43
N LEU B 42 14.55 10.79 -3.26
CA LEU B 42 14.00 11.58 -4.34
C LEU B 42 14.69 12.94 -4.42
N GLY B 43 14.65 13.52 -5.61
CA GLY B 43 15.28 14.80 -5.83
C GLY B 43 15.35 15.10 -7.32
N ALA B 44 16.23 16.02 -7.68
CA ALA B 44 16.40 16.41 -9.07
C ALA B 44 17.88 16.69 -9.32
N ASP B 45 18.17 17.13 -10.53
CA ASP B 45 19.53 17.53 -10.87
C ASP B 45 19.92 18.78 -10.09
N ASN B 46 21.23 18.94 -9.87
CA ASN B 46 21.82 19.98 -9.03
C ASN B 46 21.40 19.86 -7.58
N SER B 47 20.73 18.77 -7.20
CA SER B 47 20.42 18.46 -5.81
C SER B 47 21.31 17.31 -5.37
N GLY B 48 21.95 17.47 -4.22
CA GLY B 48 22.99 16.55 -3.82
C GLY B 48 22.53 15.18 -3.36
N LYS B 49 21.73 14.49 -4.16
CA LYS B 49 21.37 13.12 -3.84
C LYS B 49 22.61 12.23 -3.79
N SER B 50 23.47 12.35 -4.81
CA SER B 50 24.67 11.53 -4.86
C SER B 50 25.61 11.84 -3.69
N THR B 51 25.74 13.13 -3.34
CA THR B 51 26.60 13.50 -2.22
C THR B 51 26.06 12.94 -0.91
N ILE B 52 24.74 12.99 -0.72
CA ILE B 52 24.14 12.40 0.47
C ILE B 52 24.40 10.90 0.50
N VAL B 53 24.21 10.23 -0.63
CA VAL B 53 24.39 8.78 -0.69
C VAL B 53 25.83 8.42 -0.34
N LYS B 54 26.79 9.14 -0.92
CA LYS B 54 28.19 8.78 -0.71
C LYS B 54 28.70 9.20 0.68
N GLN B 55 28.08 10.21 1.30
CA GLN B 55 28.62 10.72 2.55
C GLN B 55 28.42 9.75 3.71
N MET B 56 27.40 8.90 3.66
CA MET B 56 27.27 7.81 4.62
C MET B 56 27.92 6.52 4.15
N ARG B 57 28.68 6.56 3.05
CA ARG B 57 29.37 5.40 2.52
C ARG B 57 28.39 4.29 2.14
N ILE B 72 23.72 4.86 -6.48
CA ILE B 72 23.17 3.99 -7.51
C ILE B 72 21.75 3.56 -7.13
N PHE B 73 21.29 2.47 -7.74
CA PHE B 73 19.95 1.97 -7.45
C PHE B 73 19.82 1.55 -6.00
N GLU B 74 20.93 1.15 -5.37
CA GLU B 74 20.91 0.65 -4.01
C GLU B 74 21.98 1.36 -3.19
N THR B 75 21.67 1.57 -1.91
CA THR B 75 22.64 2.09 -0.94
C THR B 75 22.31 1.46 0.41
N LYS B 76 23.32 0.86 1.01
CA LYS B 76 23.18 0.07 2.23
C LYS B 76 23.88 0.82 3.35
N PHE B 77 23.17 1.12 4.44
CA PHE B 77 23.86 1.73 5.57
C PHE B 77 23.25 1.24 6.88
N GLN B 78 24.02 1.40 7.95
CA GLN B 78 23.69 0.84 9.25
C GLN B 78 23.88 1.88 10.33
N VAL B 79 22.84 2.12 11.12
CA VAL B 79 22.91 3.05 12.24
C VAL B 79 22.37 2.34 13.49
N ASP B 80 23.19 2.29 14.54
CA ASP B 80 22.82 1.65 15.81
C ASP B 80 22.34 0.22 15.58
N LYS B 81 23.08 -0.52 14.76
CA LYS B 81 22.79 -1.91 14.42
C LYS B 81 21.43 -2.08 13.75
N VAL B 82 20.90 -1.02 13.15
CA VAL B 82 19.66 -1.07 12.38
C VAL B 82 20.01 -0.78 10.93
N ASN B 83 19.55 -1.64 10.03
CA ASN B 83 19.96 -1.59 8.63
C ASN B 83 18.92 -0.83 7.81
N PHE B 84 19.34 0.28 7.22
CA PHE B 84 18.51 1.03 6.29
C PHE B 84 19.02 0.82 4.87
N HIS B 85 18.06 0.81 3.95
CA HIS B 85 18.34 0.62 2.53
C HIS B 85 17.66 1.77 1.78
N MET B 86 18.45 2.64 1.18
CA MET B 86 17.90 3.74 0.38
C MET B 86 18.16 3.47 -1.09
N PHE B 87 17.33 4.05 -1.95
CA PHE B 87 17.30 3.68 -3.36
C PHE B 87 17.14 4.92 -4.22
N ASP B 88 18.21 5.29 -4.91
CA ASP B 88 18.21 6.42 -5.84
C ASP B 88 17.77 5.88 -7.20
N VAL B 89 16.48 5.97 -7.47
CA VAL B 89 15.90 5.47 -8.72
C VAL B 89 16.19 6.50 -9.80
N GLY B 90 17.28 6.31 -10.54
CA GLY B 90 17.68 7.26 -11.55
C GLY B 90 17.88 6.66 -12.92
N GLY B 91 17.46 5.41 -13.09
CA GLY B 91 17.56 4.73 -14.35
C GLY B 91 16.34 4.82 -15.24
N GLN B 92 15.38 5.67 -14.90
CA GLN B 92 14.14 5.81 -15.65
C GLN B 92 14.07 7.20 -16.27
N ARG B 93 12.94 7.48 -16.92
CA ARG B 93 12.71 8.75 -17.57
C ARG B 93 12.27 9.79 -16.55
N ASP B 94 11.88 10.97 -17.04
CA ASP B 94 11.50 12.05 -16.13
C ASP B 94 10.19 11.76 -15.42
N GLU B 95 9.27 11.05 -16.05
CA GLU B 95 7.98 10.77 -15.45
C GLU B 95 8.14 9.87 -14.23
N ARG B 96 7.41 10.20 -13.16
CA ARG B 96 7.56 9.53 -11.88
C ARG B 96 6.29 8.88 -11.37
N ARG B 97 5.14 9.13 -11.99
CA ARG B 97 3.86 8.80 -11.36
C ARG B 97 3.67 7.30 -11.20
N LYS B 98 4.36 6.50 -12.03
CA LYS B 98 4.11 5.06 -12.00
C LYS B 98 5.08 4.32 -11.09
N TRP B 99 6.38 4.55 -11.23
CA TRP B 99 7.34 3.84 -10.39
C TRP B 99 7.47 4.42 -9.00
N ILE B 100 6.83 5.56 -8.72
CA ILE B 100 6.79 6.06 -7.36
C ILE B 100 5.71 5.36 -6.55
N GLN B 101 4.74 4.73 -7.21
CA GLN B 101 3.74 3.94 -6.51
C GLN B 101 4.36 2.72 -5.83
N CYS B 102 5.53 2.28 -6.31
CA CYS B 102 6.19 1.12 -5.72
C CYS B 102 6.63 1.39 -4.29
N PHE B 103 7.00 2.63 -3.98
CA PHE B 103 7.59 2.97 -2.69
C PHE B 103 6.53 3.53 -1.73
N ASN B 104 5.60 2.67 -1.30
CA ASN B 104 4.70 3.07 -0.23
C ASN B 104 4.90 2.28 1.05
N ASP B 105 5.49 1.09 0.97
CA ASP B 105 5.87 0.36 2.17
C ASP B 105 7.14 0.91 2.80
N VAL B 106 7.78 1.87 2.15
CA VAL B 106 8.98 2.47 2.70
C VAL B 106 8.63 3.23 3.97
N THR B 107 9.59 3.31 4.90
CA THR B 107 9.34 4.04 6.13
C THR B 107 9.37 5.55 5.88
N ALA B 108 10.15 6.01 4.90
CA ALA B 108 10.24 7.43 4.64
C ALA B 108 10.65 7.69 3.20
N ILE B 109 10.30 8.88 2.72
CA ILE B 109 10.78 9.41 1.46
C ILE B 109 11.75 10.53 1.78
N ILE B 110 13.02 10.33 1.44
CA ILE B 110 14.06 11.32 1.70
C ILE B 110 14.12 12.23 0.48
N PHE B 111 13.58 13.44 0.62
CA PHE B 111 13.44 14.39 -0.48
C PHE B 111 14.55 15.42 -0.36
N VAL B 112 15.53 15.36 -1.26
CA VAL B 112 16.68 16.26 -1.24
C VAL B 112 16.45 17.35 -2.28
N VAL B 113 16.56 18.60 -1.88
CA VAL B 113 16.30 19.74 -2.75
C VAL B 113 17.38 20.80 -2.57
N ASP B 114 17.86 21.34 -3.69
CA ASP B 114 18.83 22.43 -3.68
C ASP B 114 18.09 23.74 -3.41
N SER B 115 18.35 24.33 -2.24
CA SER B 115 17.66 25.57 -1.88
C SER B 115 18.26 26.78 -2.58
N SER B 116 19.44 26.64 -3.16
CA SER B 116 20.09 27.77 -3.82
C SER B 116 19.37 28.17 -5.10
N ASP B 117 19.04 27.20 -5.94
CA ASP B 117 18.43 27.47 -7.25
C ASP B 117 16.98 27.88 -7.04
N TYR B 118 16.72 29.20 -7.07
CA TYR B 118 15.36 29.69 -6.86
C TYR B 118 14.48 29.48 -8.09
N ASN B 119 15.09 29.28 -9.25
CA ASN B 119 14.36 29.24 -10.53
C ASN B 119 13.14 28.34 -10.52
N ARG B 120 15.58 25.96 -9.64
CA ARG B 120 14.31 25.31 -9.95
C ARG B 120 13.58 24.95 -8.66
N LEU B 121 13.42 25.95 -7.79
CA LEU B 121 12.82 25.71 -6.49
C LEU B 121 11.32 25.49 -6.59
N GLN B 122 10.65 26.22 -7.48
CA GLN B 122 9.20 26.06 -7.62
C GLN B 122 8.83 24.67 -8.13
N GLU B 123 9.65 24.12 -9.04
CA GLU B 123 9.44 22.74 -9.45
C GLU B 123 9.59 21.80 -8.27
N ALA B 124 10.53 22.10 -7.37
CA ALA B 124 10.70 21.29 -6.17
C ALA B 124 9.49 21.37 -5.26
N LEU B 125 8.92 22.57 -5.07
CA LEU B 125 7.70 22.68 -4.29
C LEU B 125 6.55 21.91 -4.93
N ASN B 126 6.45 21.96 -6.26
CA ASN B 126 5.41 21.19 -6.93
C ASN B 126 5.61 19.70 -6.70
N LEU B 127 6.85 19.23 -6.81
CA LEU B 127 7.14 17.82 -6.57
C LEU B 127 6.82 17.42 -5.14
N PHE B 128 7.21 18.25 -4.17
CA PHE B 128 6.92 17.95 -2.77
C PHE B 128 5.42 17.95 -2.51
N LYS B 129 4.69 18.90 -3.08
CA LYS B 129 3.25 18.94 -2.92
C LYS B 129 2.60 17.68 -3.49
N SER B 130 3.04 17.26 -4.67
CA SER B 130 2.47 16.07 -5.27
C SER B 130 2.80 14.81 -4.47
N ILE B 131 4.02 14.72 -3.95
CA ILE B 131 4.38 13.58 -3.10
C ILE B 131 3.55 13.59 -1.82
N TRP B 132 3.39 14.76 -1.21
CA TRP B 132 2.62 14.87 0.02
C TRP B 132 1.17 14.49 -0.20
N ASN B 133 0.59 14.91 -1.31
CA ASN B 133 -0.82 14.67 -1.57
C ASN B 133 -1.09 13.41 -2.37
N ASN B 134 -0.06 12.62 -2.67
CA ASN B 134 -0.26 11.38 -3.40
C ASN B 134 -1.04 10.38 -2.57
N ARG B 135 -1.92 9.60 -3.18
CA ARG B 135 -2.76 8.68 -2.45
C ARG B 135 -2.00 7.60 -1.86
N TRP B 136 -0.95 7.23 -2.54
CA TRP B 136 -0.10 6.16 -2.05
C TRP B 136 1.13 6.66 -1.30
N LEU B 137 1.22 7.97 -1.07
CA LEU B 137 2.31 8.53 -0.28
C LEU B 137 1.80 9.44 0.83
N ARG B 138 0.50 9.44 1.10
CA ARG B 138 -0.06 10.24 2.17
C ARG B 138 0.15 9.63 3.54
N THR B 139 0.58 8.38 3.61
CA THR B 139 0.98 7.75 4.85
C THR B 139 2.48 7.77 5.07
N ILE B 140 3.26 7.87 4.00
CA ILE B 140 4.71 7.87 4.10
C ILE B 140 5.18 9.28 4.40
N SER B 141 5.85 9.45 5.53
CA SER B 141 6.40 10.75 5.88
C SER B 141 7.60 11.06 4.98
N VAL B 142 7.87 12.35 4.84
CA VAL B 142 8.95 12.84 3.99
C VAL B 142 9.99 13.53 4.88
N ILE B 143 11.23 13.07 4.78
CA ILE B 143 12.35 13.74 5.43
C ILE B 143 12.93 14.72 4.41
N LEU B 144 12.83 16.01 4.71
CA LEU B 144 13.15 17.06 3.75
C LEU B 144 14.57 17.56 4.02
N PHE B 145 15.44 17.43 3.01
CA PHE B 145 16.83 17.88 3.11
C PHE B 145 17.00 19.09 2.20
N LEU B 146 16.93 20.28 2.79
CA LEU B 146 17.22 21.52 2.07
C LEU B 146 18.74 21.64 1.94
N ASN B 147 19.28 20.91 0.98
CA ASN B 147 20.72 20.80 0.78
C ASN B 147 21.28 22.09 0.21
N LYS B 148 22.61 22.18 0.22
CA LYS B 148 23.35 23.30 -0.37
C LYS B 148 22.97 24.62 0.31
N GLN B 149 22.99 24.61 1.63
CA GLN B 149 22.69 25.83 2.39
C GLN B 149 23.81 26.86 2.24
N ASP B 150 25.06 26.40 2.09
CA ASP B 150 26.16 27.33 1.85
C ASP B 150 25.98 28.07 0.53
N LEU B 151 25.50 27.37 -0.50
CA LEU B 151 25.24 28.03 -1.78
C LEU B 151 24.17 29.11 -1.62
N LEU B 152 23.10 28.80 -0.88
CA LEU B 152 22.06 29.80 -0.63
C LEU B 152 22.61 30.99 0.14
N ALA B 153 23.46 30.73 1.14
CA ALA B 153 24.05 31.82 1.90
C ALA B 153 24.89 32.72 1.01
N GLU B 154 25.71 32.13 0.14
CA GLU B 154 26.52 32.93 -0.76
C GLU B 154 25.66 33.72 -1.73
N LYS B 155 24.59 33.10 -2.25
CA LYS B 155 23.72 33.80 -3.18
C LYS B 155 23.02 34.98 -2.53
N VAL B 156 22.51 34.80 -1.31
CA VAL B 156 21.81 35.91 -0.65
C VAL B 156 22.79 37.00 -0.23
N LEU B 157 24.00 36.61 0.21
CA LEU B 157 24.99 37.62 0.59
C LEU B 157 25.46 38.42 -0.62
N ALA B 158 25.59 37.78 -1.77
CA ALA B 158 25.98 38.50 -2.98
C ALA B 158 24.95 39.56 -3.35
N GLY B 159 23.67 39.20 -3.30
CA GLY B 159 22.60 40.15 -3.55
C GLY B 159 22.26 40.36 -5.01
N LYS B 160 23.00 39.75 -5.93
CA LYS B 160 22.69 39.92 -7.36
C LYS B 160 21.34 39.30 -7.70
N SER B 161 21.04 38.12 -7.15
CA SER B 161 19.77 37.46 -7.35
C SER B 161 18.92 37.60 -6.10
N LYS B 162 17.74 38.19 -6.24
CA LYS B 162 16.85 38.45 -5.11
C LYS B 162 15.72 37.42 -5.09
N ILE B 163 15.42 36.91 -3.90
CA ILE B 163 14.37 35.90 -3.75
C ILE B 163 13.00 36.50 -4.03
N GLU B 164 12.83 37.81 -3.78
CA GLU B 164 11.55 38.45 -4.02
C GLU B 164 11.13 38.38 -5.48
N ASP B 165 12.09 38.31 -6.41
CA ASP B 165 11.75 38.13 -7.81
C ASP B 165 11.06 36.78 -8.02
N TYR B 166 11.56 35.74 -7.37
CA TYR B 166 10.98 34.41 -7.50
C TYR B 166 9.86 34.15 -6.51
N PHE B 167 9.83 34.88 -5.40
CA PHE B 167 8.76 34.75 -4.40
C PHE B 167 8.50 36.13 -3.78
N PRO B 168 7.46 36.83 -4.26
CA PRO B 168 7.14 38.14 -3.66
C PRO B 168 6.81 38.08 -2.19
N GLU B 169 6.25 36.96 -1.72
CA GLU B 169 5.91 36.80 -0.31
C GLU B 169 7.10 36.98 0.61
N PHE B 170 8.32 36.70 0.11
CA PHE B 170 9.51 36.88 0.94
C PHE B 170 9.70 38.34 1.34
N ALA B 171 9.13 39.27 0.58
CA ALA B 171 9.18 40.67 0.94
C ALA B 171 8.37 40.99 2.17
N ARG B 172 7.37 40.18 2.51
CA ARG B 172 6.54 40.39 3.68
C ARG B 172 6.67 39.27 4.71
N TYR B 173 7.74 38.49 4.64
CA TYR B 173 7.99 37.40 5.57
C TYR B 173 9.00 37.85 6.62
N THR B 174 8.71 37.57 7.88
CA THR B 174 9.60 37.86 8.99
C THR B 174 10.03 36.55 9.64
N THR B 175 11.25 36.54 10.17
CA THR B 175 11.77 35.34 10.80
C THR B 175 10.92 34.96 12.01
N PRO B 176 10.40 33.73 12.07
CA PRO B 176 9.60 33.33 13.22
C PRO B 176 10.42 33.32 14.50
N GLU B 177 9.76 33.63 15.61
CA GLU B 177 10.45 33.76 16.89
C GLU B 177 10.99 32.44 17.41
N ASP B 178 10.47 31.32 16.93
CA ASP B 178 10.93 30.00 17.36
C ASP B 178 12.14 29.52 16.56
N ALA B 179 12.63 30.32 15.62
CA ALA B 179 13.80 29.93 14.85
C ALA B 179 15.03 29.83 15.74
N THR B 180 15.93 28.93 15.37
CA THR B 180 17.17 28.69 16.11
C THR B 180 18.34 28.79 15.13
N PRO B 181 18.66 29.99 14.66
CA PRO B 181 19.71 30.14 13.65
C PRO B 181 21.07 29.75 14.19
N GLU B 182 21.92 29.28 13.29
CA GLU B 182 23.29 28.94 13.65
C GLU B 182 24.02 30.22 14.07
N PRO B 183 24.75 30.20 15.19
CA PRO B 183 25.36 31.43 15.70
C PRO B 183 26.35 32.04 14.71
N GLY B 184 26.39 33.37 14.69
CA GLY B 184 27.22 34.07 13.73
C GLY B 184 26.74 33.95 12.31
N GLU B 185 25.45 34.15 12.07
CA GLU B 185 24.86 34.07 10.74
C GLU B 185 24.14 35.39 10.42
N ASP B 186 24.25 35.82 9.18
CA ASP B 186 23.54 37.01 8.73
C ASP B 186 22.03 36.76 8.82
N PRO B 187 21.28 37.64 9.49
CA PRO B 187 19.82 37.40 9.61
C PRO B 187 19.10 37.30 8.28
N ARG B 188 19.63 37.90 7.21
CA ARG B 188 19.03 37.70 5.89
C ARG B 188 19.13 36.25 5.45
N VAL B 189 20.27 35.61 5.72
CA VAL B 189 20.44 34.20 5.37
C VAL B 189 19.46 33.33 6.13
N THR B 190 19.32 33.59 7.44
CA THR B 190 18.37 32.84 8.25
C THR B 190 16.94 33.07 7.75
N ARG B 191 16.62 34.32 7.41
CA ARG B 191 15.28 34.62 6.90
C ARG B 191 14.99 33.85 5.63
N ALA B 192 15.95 33.80 4.70
CA ALA B 192 15.74 33.08 3.45
C ALA B 192 15.62 31.58 3.68
N LYS B 193 16.52 31.01 4.49
CA LYS B 193 16.47 29.58 4.77
C LYS B 193 15.14 29.18 5.39
N TYR B 194 14.76 29.87 6.47
CA TYR B 194 13.51 29.55 7.14
C TYR B 194 12.30 29.91 6.30
N PHE B 195 12.44 30.85 5.36
CA PHE B 195 11.35 31.17 4.45
C PHE B 195 11.06 30.00 3.52
N ILE B 196 12.11 29.44 2.91
CA ILE B 196 11.90 28.28 2.04
C ILE B 196 11.45 27.08 2.86
N ARG B 197 12.00 26.92 4.06
CA ARG B 197 11.59 25.83 4.93
C ARG B 197 10.12 25.93 5.29
N ASP B 198 9.64 27.15 5.60
CA ASP B 198 8.24 27.34 5.92
C ASP B 198 7.36 27.22 4.68
N GLU B 199 7.89 27.55 3.50
CA GLU B 199 7.14 27.30 2.28
C GLU B 199 6.89 25.82 2.08
N PHE B 200 7.89 24.99 2.37
CA PHE B 200 7.67 23.54 2.31
C PHE B 200 6.75 23.08 3.43
N LEU B 201 6.91 23.64 4.63
CA LEU B 201 6.10 23.21 5.76
C LEU B 201 4.65 23.63 5.63
N ARG B 202 4.37 24.68 4.84
CA ARG B 202 2.98 25.06 4.59
C ARG B 202 2.25 23.98 3.80
N ILE B 203 2.91 23.44 2.77
CA ILE B 203 2.34 22.30 2.05
C ILE B 203 2.29 21.09 2.95
N SER B 204 3.29 20.95 3.83
CA SER B 204 3.31 19.82 4.76
C SER B 204 2.09 19.82 5.68
N THR B 205 1.75 20.99 6.22
CA THR B 205 0.70 21.10 7.22
C THR B 205 -0.66 21.42 6.63
N ALA B 206 -0.74 21.73 5.33
CA ALA B 206 -2.04 22.04 4.73
C ALA B 206 -2.96 20.82 4.76
N SER B 207 -2.42 19.64 4.46
CA SER B 207 -3.23 18.43 4.42
C SER B 207 -2.53 17.26 5.09
N GLY B 208 -1.76 17.53 6.14
CA GLY B 208 -1.02 16.46 6.79
C GLY B 208 -1.91 15.44 7.47
N ASP B 209 -2.92 15.90 8.19
CA ASP B 209 -3.87 15.10 8.96
C ASP B 209 -3.21 14.35 10.12
N GLY B 210 -1.91 14.56 10.36
CA GLY B 210 -1.25 13.93 11.48
C GLY B 210 -0.70 12.54 11.22
N ARG B 211 -1.12 11.88 10.13
CA ARG B 211 -0.61 10.55 9.84
C ARG B 211 0.86 10.59 9.42
N HIS B 212 1.27 11.61 8.69
CA HIS B 212 2.66 11.76 8.28
C HIS B 212 3.09 13.20 8.52
N TYR B 213 4.38 13.36 8.81
CA TYR B 213 4.94 14.69 9.08
C TYR B 213 6.21 14.86 8.27
N CYS B 214 6.45 16.09 7.84
CA CYS B 214 7.67 16.46 7.14
C CYS B 214 8.67 16.97 8.16
N TYR B 215 9.91 16.48 8.06
CA TYR B 215 10.97 16.83 9.00
C TYR B 215 12.04 17.58 8.23
N PRO B 216 11.96 18.91 8.17
CA PRO B 216 12.99 19.67 7.45
C PRO B 216 14.32 19.63 8.19
N HIS B 217 15.39 19.66 7.42
CA HIS B 217 16.74 19.70 7.97
C HIS B 217 17.62 20.55 7.07
N PHE B 218 18.51 21.31 7.68
CA PHE B 218 19.44 22.19 6.97
C PHE B 218 20.76 21.43 6.81
N THR B 219 20.97 20.89 5.62
CA THR B 219 22.12 20.04 5.36
C THR B 219 23.00 20.66 4.28
N CYS B 220 24.30 20.40 4.38
CA CYS B 220 25.27 20.81 3.38
C CYS B 220 25.94 19.57 2.80
N ALA B 221 26.82 19.78 1.82
CA ALA B 221 27.50 18.65 1.20
C ALA B 221 28.54 18.04 2.13
N VAL B 222 29.13 18.86 3.01
CA VAL B 222 30.26 18.42 3.82
C VAL B 222 29.85 17.83 5.16
N ASP B 223 28.57 17.87 5.51
CA ASP B 223 28.15 17.36 6.81
C ASP B 223 28.24 15.83 6.85
N THR B 224 28.30 15.28 8.06
CA THR B 224 28.50 13.85 8.27
C THR B 224 27.51 13.27 9.27
N GLU B 225 26.34 13.89 9.41
CA GLU B 225 25.35 13.40 10.37
C GLU B 225 23.97 13.25 9.76
N ASN B 226 23.87 13.19 8.42
CA ASN B 226 22.57 13.00 7.80
C ASN B 226 21.99 11.62 8.09
N ALA B 227 22.85 10.61 8.20
CA ALA B 227 22.38 9.27 8.54
C ALA B 227 21.71 9.25 9.91
N ARG B 228 22.30 9.97 10.87
CA ARG B 228 21.69 10.04 12.20
C ARG B 228 20.35 10.75 12.16
N ARG B 229 20.23 11.81 11.34
CA ARG B 229 18.94 12.48 11.20
C ARG B 229 17.90 11.54 10.62
N ILE B 230 18.26 10.78 9.59
CA ILE B 230 17.34 9.81 9.00
C ILE B 230 16.94 8.77 10.03
N PHE B 231 17.91 8.30 10.82
CA PHE B 231 17.63 7.28 11.82
C PHE B 231 16.68 7.78 12.89
N ASN B 232 16.94 8.97 13.43
CA ASN B 232 16.06 9.53 14.45
C ASN B 232 14.67 9.82 13.89
N ASP B 233 14.61 10.30 12.65
CA ASP B 233 13.33 10.59 12.02
C ASP B 233 12.51 9.32 11.85
N CYS B 234 13.15 8.25 11.38
CA CYS B 234 12.44 6.98 11.23
C CYS B 234 12.04 6.40 12.57
N ARG B 235 12.87 6.60 13.60
CA ARG B 235 12.49 6.13 14.93
C ARG B 235 11.26 6.89 15.44
N ASP B 236 11.19 8.19 15.16
CA ASP B 236 9.99 8.95 15.51
C ASP B 236 8.77 8.44 14.74
N ILE B 237 8.96 8.15 13.45
CA ILE B 237 7.85 7.64 12.63
C ILE B 237 7.34 6.33 13.20
N ILE B 238 8.26 5.43 13.55
CA ILE B 238 7.86 4.12 14.04
C ILE B 238 7.26 4.22 15.44
N GLN B 239 7.76 5.15 16.27
CA GLN B 239 7.14 5.40 17.56
C GLN B 239 5.69 5.85 17.38
N ARG B 240 5.46 6.78 16.45
CA ARG B 240 4.10 7.23 16.21
C ARG B 240 3.23 6.09 15.70
N MET B 241 3.78 5.24 14.83
CA MET B 241 3.02 4.09 14.34
C MET B 241 2.66 3.13 15.46
N HIS B 242 3.61 2.89 16.37
CA HIS B 242 3.35 1.98 17.48
C HIS B 242 2.30 2.54 18.44
N LEU B 243 2.39 3.84 18.74
CA LEU B 243 1.31 4.47 19.50
C LEU B 243 -0.02 4.35 18.77
N ARG B 244 0.00 4.44 17.44
CA ARG B 244 -1.24 4.33 16.69
C ARG B 244 -1.84 2.93 16.79
N GLN B 245 -1.02 1.89 16.76
CA GLN B 245 -1.56 0.54 16.74
C GLN B 245 -2.00 0.09 18.13
N TYR B 246 -1.34 0.60 19.17
CA TYR B 246 -1.82 0.35 20.53
C TYR B 246 -2.82 1.42 20.95
N GLU B 247 -3.33 2.17 19.97
CA GLU B 247 -4.41 3.13 20.16
C GLU B 247 -4.15 4.13 21.28
N LEU B 248 -2.90 4.51 21.50
CA LEU B 248 -2.61 5.60 22.42
C LEU B 248 -2.91 6.96 21.81
N LEU B 249 -2.41 7.21 20.60
CA LEU B 249 -2.69 8.43 19.86
C LEU B 249 -2.08 8.37 18.45
N ASP C 22 4.30 22.63 -40.17
CA ASP C 22 2.87 22.91 -40.13
C ASP C 22 2.10 22.03 -41.10
N GLN C 23 2.67 21.80 -42.29
CA GLN C 23 2.02 20.91 -43.25
C GLN C 23 1.94 19.48 -42.73
N LEU C 24 3.01 19.02 -42.06
CA LEU C 24 2.98 17.69 -41.47
C LEU C 24 1.92 17.58 -40.39
N ARG C 25 1.82 18.61 -39.53
CA ARG C 25 0.79 18.60 -38.50
C ARG C 25 -0.61 18.61 -39.11
N GLN C 26 -0.81 19.41 -40.17
CA GLN C 26 -2.11 19.44 -40.82
C GLN C 26 -2.45 18.09 -41.45
N GLU C 27 -1.47 17.43 -42.07
CA GLU C 27 -1.70 16.12 -42.65
C GLU C 27 -2.03 15.09 -41.56
N ALA C 28 -1.34 15.17 -40.42
CA ALA C 28 -1.66 14.28 -39.32
C ALA C 28 -3.07 14.51 -38.80
N GLU C 29 -3.48 15.77 -38.68
CA GLU C 29 -4.85 16.07 -38.26
C GLU C 29 -5.87 15.55 -39.26
N GLN C 30 -5.59 15.70 -40.56
CA GLN C 30 -6.50 15.19 -41.58
C GLN C 30 -6.60 13.67 -41.53
N LEU C 31 -5.47 12.99 -41.34
CA LEU C 31 -5.49 11.53 -41.22
C LEU C 31 -6.28 11.10 -40.00
N LYS C 32 -6.10 11.81 -38.87
CA LYS C 32 -6.87 11.50 -37.68
C LYS C 32 -8.37 11.71 -37.91
N ASN C 33 -8.73 12.79 -38.61
CA ASN C 33 -10.12 13.04 -38.92
C ASN C 33 -10.70 11.94 -39.80
N GLN C 34 -9.92 11.48 -40.78
CA GLN C 34 -10.36 10.36 -41.61
C GLN C 34 -10.55 9.09 -40.78
N ILE C 35 -9.64 8.85 -39.83
CA ILE C 35 -9.76 7.65 -38.98
C ILE C 35 -11.02 7.73 -38.14
N ARG C 36 -11.30 8.90 -37.55
CA ARG C 36 -12.53 9.06 -36.77
C ARG C 36 -13.76 8.90 -37.64
N ASP C 37 -13.73 9.44 -38.87
CA ASP C 37 -14.87 9.30 -39.77
C ASP C 37 -15.12 7.85 -40.12
N ALA C 38 -14.06 7.09 -40.41
CA ALA C 38 -14.21 5.66 -40.71
C ALA C 38 -14.74 4.91 -39.48
N ARG C 39 -14.23 5.24 -38.29
CA ARG C 39 -14.70 4.58 -37.08
C ARG C 39 -16.17 4.86 -36.83
N LYS C 40 -16.60 6.11 -37.04
CA LYS C 40 -18.01 6.45 -36.89
C LYS C 40 -18.87 5.74 -37.92
N ALA C 41 -18.38 5.63 -39.16
CA ALA C 41 -19.12 4.93 -40.19
C ALA C 41 -19.30 3.46 -39.84
N CYS C 42 -18.24 2.83 -39.31
CA CYS C 42 -18.35 1.44 -38.88
C CYS C 42 -19.20 1.28 -37.63
N ALA C 43 -19.41 2.35 -36.86
CA ALA C 43 -20.19 2.30 -35.63
C ALA C 43 -21.69 2.36 -35.93
N ASP C 44 -22.17 1.30 -36.59
CA ASP C 44 -23.59 1.22 -36.92
C ASP C 44 -24.45 1.11 -35.67
N ALA C 45 -24.01 0.32 -34.69
CA ALA C 45 -24.78 0.12 -33.47
C ALA C 45 -23.83 -0.08 -32.31
N THR C 46 -24.34 0.13 -31.10
CA THR C 46 -23.57 -0.03 -29.88
C THR C 46 -23.61 -1.47 -29.39
N LEU C 47 -22.57 -1.85 -28.64
CA LEU C 47 -22.50 -3.21 -28.11
C LEU C 47 -23.64 -3.47 -27.13
N SER C 48 -23.94 -2.51 -26.26
CA SER C 48 -24.96 -2.72 -25.24
C SER C 48 -26.33 -2.93 -25.85
N GLN C 49 -26.68 -2.17 -26.90
CA GLN C 49 -27.99 -2.32 -27.53
C GLN C 49 -28.15 -3.70 -28.13
N ILE C 50 -27.13 -4.20 -28.83
CA ILE C 50 -27.22 -5.51 -29.45
C ILE C 50 -27.23 -6.62 -28.40
N THR C 51 -26.47 -6.44 -27.32
CA THR C 51 -26.37 -7.45 -26.27
C THR C 51 -27.49 -7.36 -25.24
N ASN C 52 -28.38 -6.37 -25.35
CA ASN C 52 -29.46 -6.26 -24.37
C ASN C 52 -30.46 -7.41 -24.49
N ASN C 53 -30.49 -8.08 -25.65
CA ASN C 53 -31.44 -9.18 -25.83
C ASN C 53 -31.11 -10.35 -24.91
N ILE C 54 -29.82 -10.69 -24.77
CA ILE C 54 -29.44 -11.87 -24.01
C ILE C 54 -29.53 -11.58 -22.52
N ASP C 55 -29.80 -12.64 -21.74
CA ASP C 55 -29.96 -12.49 -20.31
C ASP C 55 -28.62 -12.23 -19.63
N PRO C 56 -28.58 -11.31 -18.66
CA PRO C 56 -27.36 -11.10 -17.88
C PRO C 56 -27.09 -12.29 -16.96
N VAL C 57 -25.81 -12.43 -16.59
CA VAL C 57 -25.42 -13.51 -15.69
C VAL C 57 -25.88 -13.26 -14.26
N GLY C 58 -26.29 -12.04 -13.94
CA GLY C 58 -26.74 -11.73 -12.61
C GLY C 58 -25.60 -11.59 -11.62
N ARG C 59 -25.98 -11.48 -10.35
CA ARG C 59 -24.98 -11.36 -9.29
C ARG C 59 -24.12 -12.62 -9.22
N ILE C 60 -22.81 -12.40 -9.10
CA ILE C 60 -21.84 -13.49 -9.02
C ILE C 60 -21.28 -13.55 -7.62
N GLN C 61 -21.43 -14.68 -6.95
CA GLN C 61 -20.93 -14.90 -5.61
C GLN C 61 -19.64 -15.71 -5.69
N MET C 62 -18.53 -15.13 -5.26
CA MET C 62 -17.24 -15.80 -5.26
C MET C 62 -16.59 -15.59 -3.91
N ARG C 63 -16.06 -16.67 -3.35
CA ARG C 63 -15.50 -16.65 -2.00
C ARG C 63 -14.08 -17.19 -2.02
N THR C 64 -13.30 -16.78 -1.02
CA THR C 64 -11.90 -17.18 -0.90
C THR C 64 -11.86 -18.65 -0.48
N ARG C 65 -11.63 -19.53 -1.46
CA ARG C 65 -11.44 -20.94 -1.12
C ARG C 65 -10.15 -21.14 -0.35
N ARG C 66 -9.07 -20.55 -0.83
CA ARG C 66 -7.75 -20.66 -0.20
C ARG C 66 -7.08 -19.29 -0.19
N THR C 67 -6.34 -19.01 0.87
CA THR C 67 -5.59 -17.76 1.00
C THR C 67 -4.12 -18.10 1.02
N LEU C 68 -3.48 -18.01 -0.14
CA LEU C 68 -2.06 -18.30 -0.27
C LEU C 68 -1.27 -17.17 0.37
N ARG C 69 -0.82 -17.40 1.60
CA ARG C 69 -0.15 -16.36 2.35
C ARG C 69 1.26 -16.82 2.71
N GLY C 70 2.14 -15.86 2.93
CA GLY C 70 3.54 -16.13 3.17
C GLY C 70 4.42 -15.07 2.56
N HIS C 71 3.88 -14.34 1.59
CA HIS C 71 4.59 -13.18 1.06
C HIS C 71 4.74 -12.12 2.15
N LEU C 72 5.92 -11.52 2.19
CA LEU C 72 6.25 -10.60 3.27
C LEU C 72 5.88 -9.16 2.96
N ALA C 73 5.59 -8.84 1.70
CA ALA C 73 5.28 -7.47 1.28
C ALA C 73 4.29 -7.53 0.12
N LYS C 74 4.08 -6.38 -0.50
CA LYS C 74 3.07 -6.26 -1.55
C LYS C 74 3.43 -7.10 -2.76
N ILE C 75 2.40 -7.59 -3.44
CA ILE C 75 2.55 -8.44 -4.62
C ILE C 75 2.22 -7.61 -5.84
N TYR C 76 3.06 -7.67 -6.88
CA TYR C 76 2.76 -6.94 -8.11
C TYR C 76 2.30 -7.80 -9.27
N ALA C 77 2.73 -9.05 -9.34
CA ALA C 77 2.33 -9.85 -10.49
C ALA C 77 2.10 -11.29 -10.06
N MET C 78 1.27 -11.96 -10.84
CA MET C 78 1.04 -13.38 -10.70
C MET C 78 0.76 -13.93 -12.09
N HIS C 79 0.99 -15.22 -12.26
CA HIS C 79 0.76 -15.86 -13.54
C HIS C 79 0.49 -17.34 -13.32
N TRP C 80 -0.63 -17.82 -13.85
CA TRP C 80 -0.93 -19.23 -13.75
C TRP C 80 -0.09 -19.99 -14.77
N GLY C 81 0.30 -21.21 -14.41
CA GLY C 81 0.98 -22.05 -15.36
C GLY C 81 0.02 -22.66 -16.37
N THR C 82 0.59 -23.29 -17.40
CA THR C 82 -0.24 -24.06 -18.31
C THR C 82 -0.98 -25.17 -17.56
N ASP C 83 -0.30 -25.86 -16.66
CA ASP C 83 -0.98 -26.64 -15.64
C ASP C 83 -1.71 -25.69 -14.69
N SER C 84 -3.01 -25.93 -14.52
CA SER C 84 -3.85 -25.02 -13.76
C SER C 84 -3.61 -25.10 -12.25
N ARG C 85 -2.57 -25.80 -11.80
CA ARG C 85 -2.29 -25.92 -10.38
C ARG C 85 -1.13 -25.05 -9.93
N LEU C 86 -0.06 -24.97 -10.72
CA LEU C 86 1.11 -24.21 -10.33
C LEU C 86 0.93 -22.75 -10.71
N LEU C 87 1.04 -21.87 -9.72
CA LEU C 87 1.02 -20.44 -10.01
C LEU C 87 2.27 -19.81 -9.42
N VAL C 88 2.59 -18.62 -9.89
CA VAL C 88 3.84 -17.95 -9.55
C VAL C 88 3.53 -16.51 -9.20
N SER C 89 4.06 -16.03 -8.08
CA SER C 89 3.71 -14.72 -7.54
C SER C 89 4.96 -13.97 -7.10
N ALA C 90 5.03 -12.68 -7.47
CA ALA C 90 6.21 -11.86 -7.26
C ALA C 90 5.90 -10.71 -6.32
N SER C 91 6.75 -10.54 -5.30
CA SER C 91 6.53 -9.52 -4.27
C SER C 91 7.83 -8.82 -3.92
N GLN C 92 7.69 -7.53 -3.58
CA GLN C 92 8.84 -6.67 -3.26
C GLN C 92 9.60 -7.08 -2.02
N ASP C 93 9.17 -8.10 -1.31
CA ASP C 93 10.13 -8.51 -0.29
C ASP C 93 11.26 -9.31 -0.89
N GLY C 94 11.32 -9.27 -2.22
CA GLY C 94 12.36 -9.93 -2.97
C GLY C 94 12.08 -11.38 -3.27
N LYS C 95 10.81 -11.75 -3.47
CA LYS C 95 10.51 -13.17 -3.62
C LYS C 95 9.67 -13.44 -4.86
N LEU C 96 9.97 -14.58 -5.49
CA LEU C 96 9.14 -15.15 -6.54
C LEU C 96 8.74 -16.52 -6.01
N ILE C 97 7.54 -16.64 -5.48
CA ILE C 97 7.09 -17.88 -4.84
C ILE C 97 6.21 -18.65 -5.81
N ILE C 98 6.50 -19.92 -5.98
CA ILE C 98 5.75 -20.80 -6.87
C ILE C 98 4.94 -21.73 -5.99
N TRP C 99 3.61 -21.59 -6.06
CA TRP C 99 2.67 -22.30 -5.22
C TRP C 99 1.95 -23.39 -6.01
N ASP C 100 1.57 -24.44 -5.29
CA ASP C 100 0.60 -25.43 -5.75
C ASP C 100 -0.76 -24.99 -5.25
N SER C 101 -1.66 -24.66 -6.17
CA SER C 101 -2.88 -23.96 -5.79
C SER C 101 -3.79 -24.80 -4.90
N TYR C 102 -3.94 -26.10 -5.21
CA TYR C 102 -4.88 -26.92 -4.46
C TYR C 102 -4.42 -27.13 -3.02
N THR C 103 -3.15 -27.48 -2.83
CA THR C 103 -2.66 -27.85 -1.50
C THR C 103 -2.08 -26.67 -0.73
N THR C 104 -2.14 -25.47 -1.29
CA THR C 104 -1.62 -24.26 -0.64
C THR C 104 -0.18 -24.46 -0.19
N ASN C 105 0.61 -25.12 -1.04
CA ASN C 105 2.00 -25.46 -0.71
C ASN C 105 2.95 -24.72 -1.63
N LYS C 106 3.95 -24.08 -1.04
CA LYS C 106 4.99 -23.42 -1.82
C LYS C 106 5.88 -24.48 -2.45
N VAL C 107 5.75 -24.67 -3.76
CA VAL C 107 6.65 -25.59 -4.46
C VAL C 107 8.06 -25.00 -4.50
N HIS C 108 8.17 -23.70 -4.72
CA HIS C 108 9.47 -23.06 -4.87
C HIS C 108 9.43 -21.66 -4.25
N ALA C 109 10.61 -21.15 -3.90
CA ALA C 109 10.73 -19.78 -3.40
C ALA C 109 12.07 -19.23 -3.90
N ILE C 110 12.02 -18.48 -4.99
CA ILE C 110 13.21 -17.94 -5.64
C ILE C 110 13.50 -16.58 -5.03
N PRO C 111 14.65 -16.37 -4.40
CA PRO C 111 15.06 -15.01 -4.06
C PRO C 111 15.49 -14.25 -5.30
N LEU C 112 15.24 -12.95 -5.29
CA LEU C 112 15.48 -12.10 -6.46
C LEU C 112 16.58 -11.10 -6.17
N ARG C 113 17.34 -10.78 -7.22
CA ARG C 113 18.42 -9.81 -7.09
CA ARG C 113 18.42 -9.81 -7.09
C ARG C 113 17.88 -8.44 -6.72
N SER C 114 16.79 -8.02 -7.36
CA SER C 114 16.16 -6.72 -7.11
C SER C 114 14.81 -6.96 -6.48
N SER C 115 14.52 -6.26 -5.38
CA SER C 115 13.26 -6.43 -4.68
C SER C 115 12.08 -6.00 -5.55
N TRP C 116 12.19 -4.87 -6.24
CA TRP C 116 11.05 -4.26 -6.94
C TRP C 116 10.88 -4.98 -8.27
N VAL C 117 10.11 -6.05 -8.25
CA VAL C 117 9.65 -6.72 -9.45
C VAL C 117 8.18 -6.36 -9.67
N MET C 118 7.91 -5.69 -10.79
CA MET C 118 6.58 -5.28 -11.14
C MET C 118 5.88 -6.29 -12.02
N THR C 119 6.58 -7.35 -12.43
CA THR C 119 5.99 -8.35 -13.29
C THR C 119 6.66 -9.70 -13.05
N CYS C 120 5.97 -10.76 -13.44
CA CYS C 120 6.53 -12.11 -13.41
C CYS C 120 5.73 -12.96 -14.38
N ALA C 121 6.40 -13.96 -14.95
CA ALA C 121 5.78 -14.84 -15.93
C ALA C 121 6.13 -16.28 -15.62
N TYR C 122 5.30 -17.19 -16.10
CA TYR C 122 5.51 -18.62 -15.93
C TYR C 122 5.41 -19.26 -17.30
N ALA C 123 6.50 -19.88 -17.74
CA ALA C 123 6.60 -20.33 -19.12
C ALA C 123 5.54 -21.38 -19.44
N PRO C 124 5.03 -21.39 -20.67
CA PRO C 124 4.03 -22.40 -21.05
C PRO C 124 4.51 -23.82 -20.89
N SER C 125 5.80 -24.08 -21.16
CA SER C 125 6.36 -25.40 -20.92
C SER C 125 6.52 -25.68 -19.43
N GLY C 126 6.46 -24.65 -18.59
CA GLY C 126 6.61 -24.81 -17.16
C GLY C 126 8.03 -24.90 -16.66
N ASN C 127 9.02 -24.85 -17.55
CA ASN C 127 10.41 -25.01 -17.16
C ASN C 127 11.06 -23.72 -16.69
N TYR C 128 10.46 -22.56 -16.99
CA TYR C 128 11.10 -21.28 -16.75
C TYR C 128 10.11 -20.29 -16.14
N VAL C 129 10.66 -19.33 -15.39
CA VAL C 129 9.91 -18.18 -14.90
C VAL C 129 10.72 -16.93 -15.20
N ALA C 130 10.05 -15.78 -15.15
CA ALA C 130 10.70 -14.51 -15.40
C ALA C 130 10.34 -13.49 -14.32
N CYS C 131 11.28 -12.58 -14.07
CA CYS C 131 11.06 -11.43 -13.20
C CYS C 131 11.58 -10.19 -13.88
N GLY C 132 10.99 -9.05 -13.51
CA GLY C 132 11.45 -7.78 -14.03
C GLY C 132 10.76 -6.65 -13.31
N GLY C 133 11.42 -5.51 -13.30
CA GLY C 133 10.90 -4.36 -12.58
C GLY C 133 11.70 -3.11 -12.87
N LEU C 134 12.01 -2.34 -11.82
CA LEU C 134 12.78 -1.12 -12.03
C LEU C 134 14.29 -1.38 -12.00
N ASP C 135 14.71 -2.64 -11.94
CA ASP C 135 16.11 -2.96 -12.15
C ASP C 135 16.52 -2.88 -13.61
N ASN C 136 15.55 -2.97 -14.53
CA ASN C 136 15.69 -2.88 -15.98
C ASN C 136 16.23 -4.16 -16.62
N ILE C 137 16.21 -5.28 -15.90
CA ILE C 137 16.66 -6.57 -16.43
C ILE C 137 15.57 -7.59 -16.23
N CYS C 138 15.30 -8.40 -17.26
CA CYS C 138 14.40 -9.54 -17.16
C CYS C 138 15.22 -10.77 -16.79
N SER C 139 15.06 -11.23 -15.56
CA SER C 139 15.81 -12.40 -15.08
C SER C 139 14.94 -13.65 -15.26
N ILE C 140 15.45 -14.61 -16.03
CA ILE C 140 14.75 -15.85 -16.31
C ILE C 140 15.40 -16.96 -15.50
N TYR C 141 14.58 -17.68 -14.74
CA TYR C 141 15.02 -18.72 -13.83
C TYR C 141 14.55 -20.07 -14.36
N ASN C 142 15.45 -21.05 -14.36
CA ASN C 142 15.15 -22.40 -14.85
C ASN C 142 14.65 -23.23 -13.68
N LEU C 143 13.43 -23.77 -13.82
CA LEU C 143 12.84 -24.55 -12.74
C LEU C 143 13.23 -26.02 -12.81
N LYS C 144 13.07 -26.64 -13.98
CA LYS C 144 13.35 -28.07 -14.15
C LYS C 144 14.84 -28.23 -14.40
N THR C 145 15.61 -28.15 -13.31
CA THR C 145 17.05 -28.34 -13.34
C THR C 145 17.42 -29.63 -12.64
N ARG C 146 18.46 -30.29 -13.14
CA ARG C 146 18.89 -31.56 -12.54
C ARG C 146 19.50 -31.34 -11.17
N GLU C 147 20.13 -30.19 -10.95
CA GLU C 147 20.86 -29.93 -9.71
C GLU C 147 19.99 -29.26 -8.66
N GLY C 148 18.82 -29.85 -8.37
CA GLY C 148 18.02 -29.41 -7.24
C GLY C 148 17.40 -28.03 -7.36
N ASN C 149 17.93 -27.09 -6.60
CA ASN C 149 17.32 -25.78 -6.42
C ASN C 149 17.31 -24.99 -7.73
N VAL C 150 16.36 -24.05 -7.80
CA VAL C 150 16.21 -23.20 -8.98
C VAL C 150 17.42 -22.29 -9.12
N ARG C 151 17.89 -22.12 -10.36
CA ARG C 151 19.05 -21.30 -10.66
C ARG C 151 18.69 -20.30 -11.74
N VAL C 152 19.42 -19.19 -11.76
CA VAL C 152 19.18 -18.12 -12.74
C VAL C 152 19.63 -18.58 -14.11
N SER C 153 18.68 -18.79 -15.02
CA SER C 153 19.03 -19.25 -16.36
C SER C 153 19.67 -18.13 -17.18
N ARG C 154 18.94 -17.03 -17.38
CA ARG C 154 19.40 -15.94 -18.23
C ARG C 154 19.06 -14.61 -17.61
N GLU C 155 19.70 -13.55 -18.12
CA GLU C 155 19.34 -12.18 -17.80
C GLU C 155 19.27 -11.39 -19.10
N LEU C 156 18.20 -10.63 -19.28
CA LEU C 156 17.97 -9.83 -20.48
C LEU C 156 18.08 -8.36 -20.10
N ALA C 157 19.13 -7.70 -20.58
CA ALA C 157 19.36 -6.30 -20.34
C ALA C 157 19.37 -5.54 -21.67
N GLY C 158 18.97 -4.29 -21.62
CA GLY C 158 18.87 -3.50 -22.83
C GLY C 158 17.70 -2.54 -22.85
N HIS C 159 16.78 -2.69 -21.89
CA HIS C 159 15.63 -1.81 -21.78
C HIS C 159 16.14 -0.73 -20.91
N THR C 160 15.83 0.52 -21.23
CA THR C 160 16.38 1.65 -20.51
C THR C 160 15.39 2.18 -19.53
N GLY C 161 14.30 1.49 -19.38
CA GLY C 161 13.28 1.88 -18.45
C GLY C 161 12.90 0.65 -17.71
N ARG C 162 12.07 0.80 -16.73
CA ARG C 162 11.66 -0.27 -15.90
C ARG C 162 10.87 -1.21 -16.66
N LEU C 163 10.63 -2.38 -16.14
CA LEU C 163 9.92 -3.35 -16.89
C LEU C 163 8.65 -3.60 -16.18
N SER C 164 7.57 -3.56 -16.90
CA SER C 164 6.32 -3.68 -16.32
C SER C 164 5.63 -4.94 -16.70
N CYS C 165 5.90 -5.58 -17.83
CA CYS C 165 5.25 -6.84 -18.12
C CYS C 165 6.19 -7.74 -18.90
N CYS C 166 6.14 -9.03 -18.58
CA CYS C 166 6.93 -10.05 -19.26
C CYS C 166 6.03 -11.21 -19.60
N ARG C 167 6.10 -11.68 -20.85
CA ARG C 167 5.29 -12.82 -21.28
C ARG C 167 6.14 -13.73 -22.14
N PHE C 168 5.95 -15.04 -21.98
CA PHE C 168 6.71 -16.04 -22.71
C PHE C 168 5.93 -16.48 -23.94
N LEU C 169 6.58 -16.45 -25.11
CA LEU C 169 6.02 -17.11 -26.28
C LEU C 169 6.30 -18.60 -26.23
N ASP C 170 7.54 -18.95 -25.91
CA ASP C 170 7.99 -20.32 -25.73
C ASP C 170 9.23 -20.28 -24.86
N ASP C 171 10.01 -21.36 -24.85
CA ASP C 171 11.20 -21.40 -24.02
C ASP C 171 12.30 -20.46 -24.49
N ASN C 172 12.18 -19.87 -25.68
CA ASN C 172 13.21 -19.01 -26.23
CA ASN C 172 13.21 -19.01 -26.23
C ASN C 172 12.75 -17.61 -26.59
N GLN C 173 11.47 -17.42 -26.92
CA GLN C 173 10.96 -16.11 -27.30
C GLN C 173 10.20 -15.50 -26.13
N ILE C 174 10.58 -14.28 -25.75
CA ILE C 174 9.94 -13.59 -24.63
C ILE C 174 9.70 -12.13 -24.99
N VAL C 175 8.50 -11.63 -24.72
CA VAL C 175 8.15 -10.23 -24.96
C VAL C 175 8.17 -9.50 -23.63
N THR C 176 8.91 -8.40 -23.57
CA THR C 176 9.00 -7.57 -22.38
C THR C 176 8.67 -6.12 -22.73
N SER C 177 7.76 -5.51 -21.98
CA SER C 177 7.42 -4.11 -22.14
C SER C 177 8.08 -3.28 -21.06
N SER C 178 8.58 -2.11 -21.43
CA SER C 178 9.34 -1.27 -20.53
C SER C 178 8.64 0.06 -20.34
N GLY C 179 9.07 0.78 -19.31
CA GLY C 179 8.58 2.12 -19.05
C GLY C 179 9.17 3.18 -19.95
N ASP C 180 10.08 2.81 -20.85
CA ASP C 180 10.67 3.74 -21.80
C ASP C 180 9.92 3.77 -23.13
N THR C 181 8.61 3.50 -23.09
CA THR C 181 7.73 3.57 -24.26
C THR C 181 8.10 2.55 -25.33
N THR C 182 8.65 1.40 -24.93
CA THR C 182 9.09 0.39 -25.88
C THR C 182 8.69 -1.01 -25.41
N CYS C 183 8.63 -1.92 -26.37
CA CYS C 183 8.51 -3.34 -26.13
C CYS C 183 9.65 -4.04 -26.84
N ALA C 184 9.94 -5.28 -26.45
CA ALA C 184 11.07 -5.99 -27.01
C ALA C 184 10.81 -7.49 -27.05
N LEU C 185 11.01 -8.07 -28.23
CA LEU C 185 11.06 -9.52 -28.42
C LEU C 185 12.50 -9.98 -28.28
N TRP C 186 12.74 -10.86 -27.32
CA TRP C 186 14.06 -11.41 -27.03
C TRP C 186 14.10 -12.88 -27.38
N ASP C 187 15.20 -13.29 -28.02
CA ASP C 187 15.55 -14.70 -28.12
C ASP C 187 16.37 -15.06 -26.88
N ILE C 188 15.82 -15.95 -26.05
CA ILE C 188 16.40 -16.21 -24.73
C ILE C 188 17.78 -16.84 -24.87
N GLU C 189 17.96 -17.72 -25.87
CA GLU C 189 19.23 -18.42 -26.03
C GLU C 189 20.37 -17.45 -26.29
N THR C 190 20.20 -16.57 -27.28
CA THR C 190 21.25 -15.60 -27.58
C THR C 190 21.30 -14.45 -26.58
N GLY C 191 20.15 -14.10 -25.98
CA GLY C 191 20.10 -13.07 -24.96
C GLY C 191 20.05 -11.64 -25.47
N GLN C 192 19.98 -11.44 -26.78
CA GLN C 192 19.95 -10.11 -27.37
C GLN C 192 18.58 -9.85 -27.99
N GLN C 193 18.21 -8.57 -28.05
CA GLN C 193 16.87 -8.18 -28.49
C GLN C 193 16.68 -8.56 -29.96
N THR C 194 15.86 -9.59 -30.20
CA THR C 194 15.54 -9.97 -31.58
C THR C 194 14.80 -8.86 -32.30
N THR C 195 13.84 -8.22 -31.63
CA THR C 195 13.04 -7.16 -32.24
C THR C 195 12.72 -6.12 -31.18
N THR C 196 12.59 -4.86 -31.61
CA THR C 196 12.19 -3.77 -30.73
C THR C 196 10.99 -3.06 -31.32
N PHE C 197 9.96 -2.85 -30.49
CA PHE C 197 8.72 -2.20 -30.88
C PHE C 197 8.69 -0.82 -30.25
N THR C 198 8.62 0.21 -31.09
CA THR C 198 8.68 1.60 -30.66
C THR C 198 7.56 2.39 -31.32
N GLY C 199 7.07 3.41 -30.64
CA GLY C 199 5.97 4.20 -31.15
C GLY C 199 5.06 4.75 -30.06
N HIS C 200 5.13 4.17 -28.87
CA HIS C 200 4.40 4.73 -27.73
C HIS C 200 5.05 6.03 -27.30
N THR C 201 4.24 6.95 -26.76
CA THR C 201 4.74 8.21 -26.23
C THR C 201 4.68 8.26 -24.70
N GLY C 202 4.29 7.16 -24.06
CA GLY C 202 4.23 7.11 -22.61
C GLY C 202 4.64 5.74 -22.12
N ASP C 203 4.86 5.65 -20.81
CA ASP C 203 5.32 4.40 -20.21
C ASP C 203 4.34 3.27 -20.51
N VAL C 204 4.86 2.19 -21.07
CA VAL C 204 4.06 0.99 -21.33
C VAL C 204 3.89 0.27 -20.00
N MET C 205 2.64 0.08 -19.59
CA MET C 205 2.38 -0.45 -18.26
C MET C 205 2.02 -1.92 -18.23
N SER C 206 1.56 -2.48 -19.35
CA SER C 206 1.19 -3.89 -19.37
C SER C 206 1.04 -4.35 -20.81
N LEU C 207 1.22 -5.65 -21.02
CA LEU C 207 1.03 -6.27 -22.33
C LEU C 207 0.37 -7.62 -22.12
N SER C 208 -0.09 -8.22 -23.21
CA SER C 208 -0.62 -9.56 -23.22
C SER C 208 -0.38 -10.19 -24.58
N LEU C 209 -0.14 -11.49 -24.60
CA LEU C 209 0.07 -12.22 -25.83
C LEU C 209 -1.22 -12.88 -26.29
N ALA C 210 -1.40 -12.94 -27.61
CA ALA C 210 -2.58 -13.57 -28.17
C ALA C 210 -2.53 -15.08 -27.95
N PRO C 211 -3.69 -15.74 -27.90
CA PRO C 211 -3.70 -17.21 -27.84
C PRO C 211 -2.92 -17.85 -28.98
N ASP C 212 -3.00 -17.29 -30.19
CA ASP C 212 -2.15 -17.72 -31.29
C ASP C 212 -0.71 -17.27 -31.13
N THR C 213 -0.45 -16.26 -30.28
CA THR C 213 0.89 -15.75 -30.02
C THR C 213 1.57 -15.31 -31.32
N ARG C 214 0.81 -14.64 -32.18
CA ARG C 214 1.35 -13.97 -33.36
C ARG C 214 1.23 -12.46 -33.29
N LEU C 215 0.35 -11.94 -32.44
CA LEU C 215 0.18 -10.51 -32.23
C LEU C 215 0.13 -10.25 -30.73
N PHE C 216 0.42 -9.02 -30.33
CA PHE C 216 0.24 -8.67 -28.93
C PHE C 216 -0.02 -7.17 -28.79
N VAL C 217 -0.88 -6.81 -27.85
CA VAL C 217 -1.24 -5.43 -27.61
C VAL C 217 -0.56 -4.95 -26.33
N SER C 218 -0.13 -3.69 -26.34
CA SER C 218 0.49 -3.05 -25.19
C SER C 218 -0.22 -1.73 -24.92
N GLY C 219 -0.58 -1.50 -23.66
CA GLY C 219 -1.17 -0.24 -23.24
C GLY C 219 -0.13 0.61 -22.52
N ALA C 220 -0.16 1.91 -22.80
CA ALA C 220 0.84 2.82 -22.26
C ALA C 220 0.18 3.93 -21.45
N CYS C 221 1.02 4.80 -20.89
CA CYS C 221 0.58 5.92 -20.07
C CYS C 221 0.03 7.07 -20.90
N ASP C 222 0.14 7.03 -22.22
CA ASP C 222 -0.43 8.05 -23.08
C ASP C 222 -1.88 7.75 -23.45
N ALA C 223 -2.58 6.95 -22.63
CA ALA C 223 -3.95 6.54 -22.90
C ALA C 223 -4.09 5.89 -24.26
N SER C 224 -3.10 5.09 -24.65
CA SER C 224 -3.08 4.46 -25.97
C SER C 224 -2.69 3.01 -25.86
N ALA C 225 -3.45 2.15 -26.52
CA ALA C 225 -3.09 0.75 -26.71
C ALA C 225 -2.62 0.54 -28.14
N LYS C 226 -1.81 -0.50 -28.34
CA LYS C 226 -1.20 -0.71 -29.65
C LYS C 226 -1.07 -2.20 -29.94
N LEU C 227 -1.61 -2.62 -31.09
CA LEU C 227 -1.41 -3.96 -31.62
C LEU C 227 -0.10 -4.00 -32.40
N TRP C 228 0.78 -4.92 -32.01
CA TRP C 228 2.09 -5.14 -32.60
C TRP C 228 2.16 -6.55 -33.15
N ASP C 229 2.86 -6.70 -34.27
CA ASP C 229 3.14 -8.01 -34.85
C ASP C 229 4.59 -8.37 -34.54
N VAL C 230 4.80 -9.53 -33.91
CA VAL C 230 6.14 -9.90 -33.46
C VAL C 230 7.07 -10.14 -34.64
N ARG C 231 6.55 -10.73 -35.72
CA ARG C 231 7.39 -11.00 -36.88
C ARG C 231 7.82 -9.70 -37.56
N GLU C 232 6.87 -8.82 -37.86
CA GLU C 232 7.20 -7.62 -38.63
C GLU C 232 7.94 -6.60 -37.77
N GLY C 233 7.50 -6.40 -36.53
CA GLY C 233 8.10 -5.40 -35.67
C GLY C 233 7.55 -4.00 -35.81
N MET C 234 6.43 -3.83 -36.51
CA MET C 234 5.79 -2.53 -36.67
C MET C 234 4.43 -2.53 -36.01
N CYS C 235 4.01 -1.35 -35.56
CA CYS C 235 2.72 -1.20 -34.88
C CYS C 235 1.59 -1.43 -35.88
N ARG C 236 0.95 -2.60 -35.78
CA ARG C 236 -0.15 -2.91 -36.68
C ARG C 236 -1.33 -1.96 -36.47
N GLN C 237 -1.68 -1.68 -35.22
CA GLN C 237 -2.87 -0.88 -34.95
C GLN C 237 -2.66 -0.03 -33.70
N THR C 238 -3.41 1.07 -33.63
CA THR C 238 -3.35 1.96 -32.47
C THR C 238 -4.76 2.34 -32.06
N PHE C 239 -5.04 2.23 -30.76
CA PHE C 239 -6.36 2.50 -30.20
C PHE C 239 -6.23 3.57 -29.13
N THR C 240 -7.16 4.53 -29.14
CA THR C 240 -7.25 5.55 -28.10
C THR C 240 -8.64 5.53 -27.51
N GLY C 241 -8.86 6.35 -26.49
CA GLY C 241 -10.18 6.48 -25.91
C GLY C 241 -10.21 6.70 -24.41
N HIS C 242 -9.14 6.36 -23.71
CA HIS C 242 -9.06 6.65 -22.29
C HIS C 242 -8.66 8.11 -22.06
N GLU C 243 -8.76 8.53 -20.80
CA GLU C 243 -8.46 9.89 -20.40
C GLU C 243 -7.14 10.01 -19.64
N SER C 244 -6.53 8.90 -19.26
CA SER C 244 -5.33 8.92 -18.43
CA SER C 244 -5.33 8.92 -18.43
C SER C 244 -4.57 7.62 -18.64
N ASP C 245 -3.59 7.37 -17.77
CA ASP C 245 -2.70 6.23 -17.90
C ASP C 245 -3.46 4.91 -17.96
N ILE C 246 -3.02 4.02 -18.84
CA ILE C 246 -3.55 2.67 -18.95
C ILE C 246 -2.67 1.75 -18.11
N ASN C 247 -3.28 1.03 -17.16
CA ASN C 247 -2.52 0.19 -16.25
C ASN C 247 -2.58 -1.29 -16.58
N ALA C 248 -3.62 -1.75 -17.29
CA ALA C 248 -3.79 -3.17 -17.54
C ALA C 248 -4.33 -3.39 -18.94
N ILE C 249 -4.06 -4.58 -19.48
CA ILE C 249 -4.51 -4.95 -20.82
C ILE C 249 -4.40 -6.46 -20.92
N CYS C 250 -5.33 -7.07 -21.64
CA CYS C 250 -5.33 -8.52 -21.83
C CYS C 250 -6.31 -8.88 -22.93
N PHE C 251 -5.90 -9.79 -23.82
CA PHE C 251 -6.75 -10.19 -24.92
C PHE C 251 -8.00 -10.93 -24.45
N PHE C 252 -9.06 -10.80 -25.26
CA PHE C 252 -10.18 -11.71 -25.19
C PHE C 252 -9.71 -13.12 -25.52
N PRO C 253 -10.34 -14.14 -24.94
CA PRO C 253 -10.01 -15.53 -25.29
C PRO C 253 -9.90 -15.81 -26.78
N ASN C 254 -10.72 -15.15 -27.61
CA ASN C 254 -10.65 -15.39 -29.05
C ASN C 254 -9.45 -14.70 -29.69
N GLY C 255 -8.84 -13.75 -29.01
CA GLY C 255 -7.71 -13.01 -29.55
C GLY C 255 -8.06 -11.86 -30.45
N ASN C 256 -9.35 -11.57 -30.65
CA ASN C 256 -9.80 -10.47 -31.50
C ASN C 256 -10.20 -9.24 -30.71
N ALA C 257 -9.96 -9.22 -29.41
CA ALA C 257 -10.38 -8.10 -28.57
C ALA C 257 -9.49 -8.02 -27.34
N PHE C 258 -9.57 -6.89 -26.65
CA PHE C 258 -8.84 -6.71 -25.40
C PHE C 258 -9.50 -5.61 -24.59
N ALA C 259 -9.43 -5.75 -23.27
CA ALA C 259 -9.98 -4.77 -22.34
C ALA C 259 -8.84 -4.04 -21.62
N THR C 260 -9.03 -2.74 -21.42
CA THR C 260 -8.02 -1.90 -20.80
C THR C 260 -8.63 -1.10 -19.66
N GLY C 261 -7.92 -1.05 -18.54
CA GLY C 261 -8.31 -0.26 -17.39
C GLY C 261 -7.33 0.87 -17.18
N SER C 262 -7.82 1.99 -16.64
CA SER C 262 -7.03 3.20 -16.53
C SER C 262 -7.21 3.83 -15.16
N ASP C 263 -6.51 4.94 -14.94
CA ASP C 263 -6.56 5.67 -13.68
C ASP C 263 -7.84 6.47 -13.49
N ASP C 264 -8.62 6.68 -14.55
CA ASP C 264 -9.87 7.41 -14.44
C ASP C 264 -11.06 6.50 -14.11
N ALA C 265 -10.81 5.37 -13.48
CA ALA C 265 -11.86 4.51 -12.91
C ALA C 265 -12.75 3.89 -13.99
N THR C 266 -12.20 3.61 -15.16
CA THR C 266 -12.98 3.04 -16.25
C THR C 266 -12.25 1.89 -16.91
N CYS C 267 -13.02 0.91 -17.39
CA CYS C 267 -12.55 -0.06 -18.36
C CYS C 267 -13.12 0.29 -19.73
N ARG C 268 -12.41 -0.09 -20.77
CA ARG C 268 -12.94 0.01 -22.13
C ARG C 268 -12.49 -1.19 -22.93
N LEU C 269 -13.40 -1.72 -23.73
CA LEU C 269 -13.14 -2.91 -24.54
C LEU C 269 -12.95 -2.49 -25.99
N PHE C 270 -11.87 -2.97 -26.60
CA PHE C 270 -11.58 -2.72 -28.00
C PHE C 270 -11.58 -4.03 -28.76
N ASP C 271 -12.01 -3.98 -30.02
CA ASP C 271 -11.93 -5.11 -30.94
C ASP C 271 -10.93 -4.74 -32.03
N LEU C 272 -10.02 -5.67 -32.32
CA LEU C 272 -8.92 -5.36 -33.21
C LEU C 272 -9.40 -5.05 -34.62
N ARG C 273 -10.38 -5.82 -35.10
CA ARG C 273 -10.92 -5.59 -36.45
C ARG C 273 -11.80 -4.35 -36.49
N ALA C 274 -12.60 -4.12 -35.45
CA ALA C 274 -13.45 -2.93 -35.41
C ALA C 274 -12.63 -1.65 -35.30
N ASP C 275 -11.44 -1.74 -34.71
CA ASP C 275 -10.49 -0.62 -34.62
C ASP C 275 -11.08 0.57 -33.89
N GLN C 276 -11.90 0.31 -32.87
CA GLN C 276 -12.34 1.35 -31.95
C GLN C 276 -12.86 0.69 -30.68
N GLU C 277 -13.17 1.52 -29.69
CA GLU C 277 -13.75 1.05 -28.45
C GLU C 277 -15.15 0.49 -28.71
N LEU C 278 -15.55 -0.46 -27.86
CA LEU C 278 -16.90 -1.00 -27.92
C LEU C 278 -17.73 -0.69 -26.68
N MET C 279 -17.27 -1.04 -25.50
CA MET C 279 -18.06 -0.76 -24.31
C MET C 279 -17.18 -0.12 -23.26
N THR C 280 -17.80 0.72 -22.44
CA THR C 280 -17.14 1.45 -21.36
C THR C 280 -17.76 1.04 -20.02
N TYR C 281 -16.93 0.58 -19.11
CA TYR C 281 -17.35 0.12 -17.79
C TYR C 281 -16.96 1.18 -16.77
N SER C 282 -17.95 1.83 -16.18
CA SER C 282 -17.69 2.84 -15.16
C SER C 282 -18.99 3.15 -14.41
N HIS C 283 -18.83 3.82 -13.27
CA HIS C 283 -19.95 4.29 -12.46
C HIS C 283 -19.55 5.59 -11.76
N ASP C 284 -20.56 6.31 -11.28
CA ASP C 284 -20.29 7.55 -10.55
C ASP C 284 -19.60 7.27 -9.23
N ASN C 285 -19.99 6.21 -8.54
CA ASN C 285 -19.50 5.94 -7.18
C ASN C 285 -18.05 5.47 -7.15
N ILE C 286 -17.47 5.10 -8.28
CA ILE C 286 -16.08 4.66 -8.35
C ILE C 286 -15.23 5.79 -8.90
N ILE C 287 -14.18 6.14 -8.16
CA ILE C 287 -13.23 7.15 -8.62
C ILE C 287 -11.79 6.66 -8.61
N CYS C 288 -11.49 5.55 -7.95
CA CYS C 288 -10.14 5.02 -7.93
C CYS C 288 -9.79 4.40 -9.27
N GLY C 289 -8.50 4.40 -9.60
CA GLY C 289 -8.06 3.85 -10.85
C GLY C 289 -8.16 2.34 -10.91
N ILE C 290 -7.77 1.79 -12.04
CA ILE C 290 -7.77 0.34 -12.23
C ILE C 290 -6.33 -0.14 -12.38
N THR C 291 -6.03 -1.31 -11.82
CA THR C 291 -4.66 -1.76 -11.68
C THR C 291 -4.38 -3.13 -12.32
N SER C 292 -5.40 -3.90 -12.64
CA SER C 292 -5.20 -5.22 -13.23
C SER C 292 -6.51 -5.71 -13.84
N VAL C 293 -6.42 -6.24 -15.06
CA VAL C 293 -7.58 -6.74 -15.78
C VAL C 293 -7.28 -8.13 -16.31
N SER C 294 -8.27 -9.01 -16.22
CA SER C 294 -8.13 -10.37 -16.70
C SER C 294 -9.49 -10.87 -17.20
N PHE C 295 -9.45 -11.91 -18.03
CA PHE C 295 -10.64 -12.49 -18.63
C PHE C 295 -10.81 -13.94 -18.23
N SER C 296 -12.06 -14.37 -18.19
CA SER C 296 -12.39 -15.78 -17.98
C SER C 296 -12.25 -16.54 -19.29
N LYS C 297 -12.64 -17.78 -19.31
CA LYS C 297 -12.43 -18.57 -20.49
C LYS C 297 -13.35 -18.13 -21.51
N SER C 298 -14.59 -18.06 -21.15
CA SER C 298 -15.60 -17.67 -22.12
C SER C 298 -15.52 -16.20 -22.50
N GLY C 299 -14.75 -15.41 -21.76
CA GLY C 299 -14.74 -13.97 -21.97
C GLY C 299 -15.94 -13.25 -21.44
N ARG C 300 -16.84 -13.95 -20.73
CA ARG C 300 -18.07 -13.33 -20.25
C ARG C 300 -17.77 -12.34 -19.13
N LEU C 301 -16.74 -12.61 -18.32
CA LEU C 301 -16.48 -11.83 -17.13
C LEU C 301 -15.14 -11.10 -17.25
N LEU C 302 -15.16 -9.80 -16.96
CA LEU C 302 -13.96 -8.96 -16.90
C LEU C 302 -13.63 -8.76 -15.43
N LEU C 303 -12.62 -9.45 -14.94
CA LEU C 303 -12.16 -9.24 -13.58
C LEU C 303 -11.16 -8.09 -13.58
N ALA C 304 -11.45 -7.05 -12.81
CA ALA C 304 -10.63 -5.85 -12.76
C ALA C 304 -10.31 -5.50 -11.33
N GLY C 305 -9.04 -5.25 -11.05
CA GLY C 305 -8.59 -4.85 -9.73
C GLY C 305 -8.61 -3.34 -9.62
N TYR C 306 -9.04 -2.85 -8.46
CA TYR C 306 -9.19 -1.42 -8.24
C TYR C 306 -8.36 -0.98 -7.04
N ASP C 307 -8.13 0.32 -6.96
CA ASP C 307 -7.40 0.89 -5.83
C ASP C 307 -8.26 1.02 -4.57
N ASP C 308 -9.57 0.80 -4.66
CA ASP C 308 -10.44 0.89 -3.50
C ASP C 308 -10.48 -0.41 -2.71
N PHE C 309 -9.45 -1.25 -2.86
CA PHE C 309 -9.18 -2.47 -2.11
C PHE C 309 -10.03 -3.63 -2.59
N ASN C 310 -10.91 -3.43 -3.57
CA ASN C 310 -11.85 -4.44 -4.02
C ASN C 310 -11.62 -4.75 -5.50
N CYS C 311 -11.87 -6.00 -5.89
CA CYS C 311 -11.98 -6.35 -7.29
C CYS C 311 -13.43 -6.26 -7.72
N ASN C 312 -13.64 -5.97 -9.00
CA ASN C 312 -14.97 -5.98 -9.59
C ASN C 312 -14.99 -6.96 -10.74
N VAL C 313 -16.14 -7.61 -10.94
CA VAL C 313 -16.34 -8.47 -12.10
C VAL C 313 -17.43 -7.84 -12.96
N TRP C 314 -17.07 -7.45 -14.17
CA TRP C 314 -17.97 -6.80 -15.10
C TRP C 314 -18.49 -7.81 -16.13
N ASP C 315 -19.70 -7.58 -16.61
CA ASP C 315 -20.26 -8.39 -17.68
C ASP C 315 -19.86 -7.77 -19.01
N ALA C 316 -19.18 -8.54 -19.85
CA ALA C 316 -18.70 -8.03 -21.14
C ALA C 316 -19.85 -7.56 -22.03
N LEU C 317 -21.05 -8.06 -21.81
CA LEU C 317 -22.19 -7.76 -22.68
C LEU C 317 -23.10 -6.67 -22.12
N LYS C 318 -23.22 -6.58 -20.79
CA LYS C 318 -24.09 -5.58 -20.17
C LYS C 318 -23.33 -4.46 -19.47
N ALA C 319 -22.04 -4.65 -19.19
CA ALA C 319 -21.22 -3.64 -18.53
C ALA C 319 -21.77 -3.24 -17.17
N ASP C 320 -22.45 -4.17 -16.49
CA ASP C 320 -22.94 -3.96 -15.14
C ASP C 320 -22.17 -4.88 -14.20
N ARG C 321 -21.70 -4.33 -13.09
CA ARG C 321 -20.93 -5.12 -12.14
C ARG C 321 -21.73 -6.32 -11.66
N ALA C 322 -21.20 -7.51 -11.91
CA ALA C 322 -21.85 -8.75 -11.50
C ALA C 322 -21.39 -9.25 -10.14
N GLY C 323 -20.41 -8.59 -9.52
CA GLY C 323 -19.95 -9.00 -8.21
C GLY C 323 -18.70 -8.26 -7.79
N VAL C 324 -18.47 -8.26 -6.49
CA VAL C 324 -17.33 -7.59 -5.88
C VAL C 324 -16.53 -8.62 -5.11
N LEU C 325 -15.23 -8.70 -5.38
CA LEU C 325 -14.31 -9.55 -4.63
C LEU C 325 -13.62 -8.64 -3.63
N ALA C 326 -14.21 -8.54 -2.44
CA ALA C 326 -13.73 -7.64 -1.39
C ALA C 326 -13.27 -8.50 -0.21
N GLY C 327 -11.97 -8.80 -0.19
CA GLY C 327 -11.40 -9.54 0.92
C GLY C 327 -9.99 -9.08 1.23
N HIS C 328 -9.54 -8.01 0.58
CA HIS C 328 -8.18 -7.53 0.68
C HIS C 328 -8.14 -6.24 1.50
N ASP C 329 -7.07 -6.09 2.28
CA ASP C 329 -6.87 -4.93 3.13
C ASP C 329 -6.17 -3.79 2.41
N ASN C 330 -5.83 -3.95 1.13
CA ASN C 330 -5.20 -2.91 0.35
C ASN C 330 -5.57 -3.09 -1.11
N ARG C 331 -5.02 -2.26 -1.98
CA ARG C 331 -5.39 -2.29 -3.39
C ARG C 331 -5.00 -3.62 -4.02
N VAL C 332 -5.81 -4.08 -4.96
CA VAL C 332 -5.50 -5.31 -5.68
C VAL C 332 -4.63 -4.98 -6.88
N SER C 333 -3.47 -5.63 -6.96
CA SER C 333 -2.52 -5.39 -8.04
C SER C 333 -2.37 -6.57 -8.98
N CYS C 334 -2.90 -7.74 -8.64
CA CYS C 334 -2.69 -8.93 -9.44
C CYS C 334 -4.02 -9.62 -9.67
N LEU C 335 -4.32 -9.92 -10.92
CA LEU C 335 -5.44 -10.79 -11.26
C LEU C 335 -4.96 -11.87 -12.22
N GLY C 336 -5.21 -13.12 -11.85
CA GLY C 336 -4.84 -14.23 -12.71
C GLY C 336 -6.01 -15.18 -12.87
N VAL C 337 -6.24 -15.60 -14.12
CA VAL C 337 -7.30 -16.53 -14.43
C VAL C 337 -6.67 -17.77 -15.05
N THR C 338 -7.07 -18.94 -14.57
CA THR C 338 -6.47 -20.19 -15.03
C THR C 338 -6.74 -20.40 -16.51
N ASP C 339 -5.87 -21.18 -17.14
CA ASP C 339 -6.09 -21.54 -18.55
C ASP C 339 -7.38 -22.33 -18.72
N ASP C 340 -7.66 -23.25 -17.80
CA ASP C 340 -8.89 -24.04 -17.86
C ASP C 340 -10.08 -23.32 -17.24
N GLY C 341 -9.88 -22.12 -16.69
CA GLY C 341 -10.97 -21.30 -16.20
C GLY C 341 -11.52 -21.68 -14.86
N MET C 342 -10.94 -22.67 -14.17
CA MET C 342 -11.51 -23.13 -12.91
C MET C 342 -11.41 -22.07 -11.82
N ALA C 343 -10.24 -21.47 -11.66
CA ALA C 343 -10.01 -20.59 -10.52
C ALA C 343 -9.45 -19.25 -10.99
N VAL C 344 -9.64 -18.24 -10.14
CA VAL C 344 -9.01 -16.94 -10.31
C VAL C 344 -8.27 -16.63 -9.02
N ALA C 345 -7.22 -15.83 -9.11
CA ALA C 345 -6.43 -15.45 -7.95
C ALA C 345 -6.17 -13.96 -7.96
N THR C 346 -6.35 -13.35 -6.80
CA THR C 346 -6.18 -11.92 -6.58
C THR C 346 -5.00 -11.71 -5.65
N GLY C 347 -4.04 -10.89 -6.06
CA GLY C 347 -2.88 -10.56 -5.24
C GLY C 347 -2.91 -9.09 -4.89
N SER C 348 -2.83 -8.80 -3.58
CA SER C 348 -3.01 -7.41 -3.14
C SER C 348 -1.75 -6.94 -2.42
N TRP C 349 -1.79 -5.67 -2.02
CA TRP C 349 -0.65 -5.03 -1.36
C TRP C 349 -0.62 -5.29 0.13
N ASP C 350 -1.57 -6.06 0.67
CA ASP C 350 -1.53 -6.53 2.04
C ASP C 350 -0.73 -7.82 2.19
N SER C 351 0.11 -8.12 1.19
CA SER C 351 0.96 -9.32 1.17
C SER C 351 0.13 -10.60 1.17
N PHE C 352 -1.08 -10.54 0.59
CA PHE C 352 -1.94 -11.71 0.53
C PHE C 352 -2.34 -12.01 -0.91
N LEU C 353 -2.31 -13.30 -1.25
CA LEU C 353 -2.83 -13.82 -2.50
C LEU C 353 -3.95 -14.78 -2.17
N LYS C 354 -5.14 -14.53 -2.72
CA LYS C 354 -6.33 -15.32 -2.47
C LYS C 354 -6.79 -15.96 -3.76
N ILE C 355 -7.43 -17.13 -3.65
CA ILE C 355 -8.02 -17.81 -4.79
C ILE C 355 -9.52 -17.89 -4.58
N TRP C 356 -10.27 -17.47 -5.60
CA TRP C 356 -11.72 -17.34 -5.54
C TRP C 356 -12.33 -18.30 -6.56
N ASN C 357 -12.67 -19.50 -6.10
CA ASN C 357 -13.34 -20.48 -6.95
C ASN C 357 -14.85 -20.41 -6.76
N GLN D 23 -9.03 10.13 -28.18
CA GLN D 23 -7.75 10.77 -27.88
C GLN D 23 -7.97 12.07 -27.11
N VAL D 24 -6.95 12.50 -26.38
CA VAL D 24 -7.01 13.73 -25.59
C VAL D 24 -6.44 14.86 -26.44
N GLN D 25 -7.15 15.98 -26.50
CA GLN D 25 -6.71 17.14 -27.26
C GLN D 25 -6.74 18.37 -26.36
N LEU D 26 -5.70 19.21 -26.47
CA LEU D 26 -5.65 20.51 -25.81
C LEU D 26 -5.17 21.53 -26.83
N GLN D 27 -6.10 22.26 -27.43
CA GLN D 27 -5.78 23.22 -28.49
C GLN D 27 -5.72 24.62 -27.89
N GLU D 28 -4.57 25.26 -28.01
CA GLU D 28 -4.34 26.58 -27.43
C GLU D 28 -4.52 27.66 -28.50
N SER D 29 -5.14 28.76 -28.10
CA SER D 29 -5.31 29.94 -28.95
C SER D 29 -4.91 31.18 -28.16
N GLY D 30 -4.44 32.18 -28.88
CA GLY D 30 -3.92 33.40 -28.29
C GLY D 30 -2.46 33.59 -28.66
N GLY D 31 -1.79 34.42 -27.87
CA GLY D 31 -0.39 34.66 -28.07
C GLY D 31 -0.11 35.58 -29.24
N GLY D 32 1.18 35.70 -29.56
CA GLY D 32 1.64 36.54 -30.63
C GLY D 32 2.64 37.55 -30.13
N LEU D 33 2.76 38.65 -30.88
CA LEU D 33 3.71 39.72 -30.57
C LEU D 33 3.00 40.78 -29.74
N VAL D 34 3.58 41.11 -28.58
CA VAL D 34 3.03 42.15 -27.72
C VAL D 34 4.19 42.95 -27.14
N GLN D 35 4.05 44.28 -27.12
CA GLN D 35 5.07 45.14 -26.56
C GLN D 35 5.13 44.96 -25.04
N PRO D 36 6.28 45.24 -24.43
CA PRO D 36 6.39 45.12 -22.97
C PRO D 36 5.35 45.99 -22.26
N GLY D 37 4.79 45.45 -21.18
CA GLY D 37 3.70 46.11 -20.49
C GLY D 37 2.33 45.89 -21.09
N GLY D 38 2.22 45.07 -22.14
CA GLY D 38 0.96 44.83 -22.79
C GLY D 38 0.13 43.78 -22.08
N SER D 39 -0.91 43.31 -22.78
CA SER D 39 -1.84 42.33 -22.24
C SER D 39 -2.18 41.29 -23.28
N LEU D 40 -2.60 40.11 -22.81
CA LEU D 40 -2.98 38.99 -23.65
C LEU D 40 -3.91 38.08 -22.87
N ARG D 41 -4.67 37.28 -23.61
CA ARG D 41 -5.56 36.29 -23.01
C ARG D 41 -5.38 34.98 -23.75
N LEU D 42 -4.65 34.05 -23.16
CA LEU D 42 -4.40 32.74 -23.75
C LEU D 42 -5.51 31.80 -23.31
N SER D 43 -6.31 31.35 -24.27
CA SER D 43 -7.33 30.35 -23.99
C SER D 43 -6.85 29.02 -24.53
N CYS D 44 -7.39 27.93 -24.00
CA CYS D 44 -7.15 26.62 -24.59
C CYS D 44 -8.35 25.74 -24.33
N ALA D 45 -8.85 25.12 -25.40
CA ALA D 45 -10.01 24.24 -25.34
C ALA D 45 -9.54 22.79 -25.24
N ALA D 46 -10.19 22.04 -24.36
CA ALA D 46 -9.80 20.67 -24.05
C ALA D 46 -10.91 19.72 -24.47
N SER D 47 -10.54 18.62 -25.11
CA SER D 47 -11.50 17.62 -25.57
C SER D 47 -10.96 16.23 -25.27
N GLY D 48 -11.88 15.28 -25.13
CA GLY D 48 -11.54 13.90 -24.90
C GLY D 48 -11.62 13.43 -23.46
N PHE D 49 -12.09 14.26 -22.54
CA PHE D 49 -12.17 13.87 -21.14
C PHE D 49 -13.17 14.77 -20.42
N THR D 50 -13.46 14.41 -19.17
CA THR D 50 -14.27 15.24 -18.30
C THR D 50 -13.42 16.38 -17.74
N PHE D 51 -13.75 17.61 -18.14
CA PHE D 51 -12.88 18.75 -17.84
C PHE D 51 -12.80 19.04 -16.36
N SER D 52 -13.89 18.80 -15.62
CA SER D 52 -13.97 19.20 -14.22
C SER D 52 -13.14 18.35 -13.28
N ASN D 53 -12.73 17.16 -13.71
CA ASN D 53 -12.11 16.19 -12.82
C ASN D 53 -10.60 16.36 -12.66
N TYR D 54 -9.98 17.26 -13.44
CA TYR D 54 -8.53 17.35 -13.54
C TYR D 54 -8.06 18.73 -13.12
N LYS D 55 -7.03 18.77 -12.28
CA LYS D 55 -6.37 20.03 -11.99
C LYS D 55 -5.67 20.53 -13.24
N MET D 56 -5.89 21.79 -13.59
CA MET D 56 -5.36 22.36 -14.81
C MET D 56 -4.14 23.22 -14.49
N ASN D 57 -3.16 23.17 -15.38
CA ASN D 57 -1.92 23.94 -15.18
C ASN D 57 -1.58 24.69 -16.45
N TRP D 58 -0.93 25.84 -16.27
CA TRP D 58 -0.26 26.56 -17.35
C TRP D 58 1.24 26.46 -17.11
N VAL D 59 1.95 25.94 -18.13
CA VAL D 59 3.39 25.72 -18.08
C VAL D 59 4.01 26.38 -19.30
N ARG D 60 5.03 27.21 -19.08
CA ARG D 60 5.67 27.93 -20.17
C ARG D 60 7.11 27.46 -20.32
N GLN D 61 7.59 27.48 -21.57
CA GLN D 61 8.94 27.07 -21.92
C GLN D 61 9.59 28.20 -22.69
N ALA D 62 10.55 28.88 -22.06
CA ALA D 62 11.29 29.92 -22.75
C ALA D 62 12.40 29.29 -23.59
N PRO D 63 12.81 29.96 -24.67
CA PRO D 63 13.91 29.44 -25.49
C PRO D 63 15.18 29.31 -24.68
N GLY D 64 15.92 28.23 -24.91
CA GLY D 64 17.16 27.98 -24.21
C GLY D 64 17.03 27.36 -22.83
N LYS D 65 15.82 26.98 -22.43
CA LYS D 65 15.60 26.39 -21.11
C LYS D 65 14.43 25.42 -21.18
N GLY D 66 14.31 24.61 -20.13
CA GLY D 66 13.30 23.58 -20.06
C GLY D 66 11.94 24.11 -19.64
N LEU D 67 11.03 23.18 -19.39
CA LEU D 67 9.67 23.54 -19.02
C LEU D 67 9.62 24.16 -17.63
N GLU D 68 8.73 25.12 -17.45
CA GLU D 68 8.55 25.79 -16.16
C GLU D 68 7.06 25.91 -15.86
N TRP D 69 6.65 25.41 -14.71
CA TRP D 69 5.25 25.51 -14.29
C TRP D 69 4.94 26.94 -13.90
N VAL D 70 3.89 27.50 -14.50
CA VAL D 70 3.54 28.90 -14.28
C VAL D 70 2.43 28.99 -13.24
N SER D 71 1.29 28.34 -13.51
CA SER D 71 0.15 28.50 -12.62
C SER D 71 -0.69 27.23 -12.62
N ASP D 72 -1.55 27.10 -11.61
CA ASP D 72 -2.48 25.98 -11.58
C ASP D 72 -3.79 26.40 -10.92
N ILE D 73 -4.86 25.74 -11.35
CA ILE D 73 -6.20 25.92 -10.82
C ILE D 73 -6.82 24.54 -10.59
N SER D 74 -7.51 24.39 -9.47
CA SER D 74 -7.97 23.09 -9.00
C SER D 74 -9.26 22.69 -9.70
N GLN D 75 -9.90 21.64 -9.19
CA GLN D 75 -11.07 21.06 -9.85
C GLN D 75 -12.25 22.04 -9.86
N SER D 76 -12.46 22.74 -8.75
CA SER D 76 -13.59 23.66 -8.63
C SER D 76 -13.18 25.12 -8.74
N GLY D 77 -11.91 25.42 -8.95
CA GLY D 77 -11.45 26.78 -9.03
C GLY D 77 -11.26 27.47 -7.70
N ALA D 78 -11.49 26.75 -6.59
CA ALA D 78 -11.34 27.37 -5.27
C ALA D 78 -9.86 27.52 -4.90
N SER D 79 -9.04 26.56 -5.29
CA SER D 79 -7.61 26.57 -4.98
C SER D 79 -6.87 27.05 -6.23
N ILE D 80 -6.19 28.17 -6.10
CA ILE D 80 -5.47 28.80 -7.20
C ILE D 80 -4.05 29.10 -6.74
N SER D 81 -3.07 28.77 -7.58
CA SER D 81 -1.69 29.10 -7.21
C SER D 81 -0.93 29.54 -8.45
N TYR D 82 0.08 30.39 -8.22
CA TYR D 82 0.92 30.91 -9.29
C TYR D 82 2.38 30.74 -8.91
N THR D 83 3.24 30.70 -9.92
CA THR D 83 4.66 30.89 -9.69
C THR D 83 4.89 32.30 -9.17
N GLY D 84 5.84 32.44 -8.25
CA GLY D 84 6.03 33.73 -7.61
C GLY D 84 6.39 34.84 -8.59
N SER D 85 7.15 34.51 -9.64
CA SER D 85 7.57 35.52 -10.60
C SER D 85 6.37 36.18 -11.27
N VAL D 86 5.30 35.42 -11.50
CA VAL D 86 4.15 35.91 -12.25
C VAL D 86 2.93 36.15 -11.36
N LYS D 87 3.11 36.17 -10.04
CA LYS D 87 1.98 36.39 -9.15
C LYS D 87 1.50 37.84 -9.24
N GLY D 88 0.19 38.01 -9.20
CA GLY D 88 -0.41 39.33 -9.28
C GLY D 88 -0.65 39.79 -10.70
N ARG D 89 0.39 39.74 -11.52
CA ARG D 89 0.26 40.15 -12.92
C ARG D 89 -0.68 39.21 -13.68
N PHE D 90 -0.44 37.91 -13.59
CA PHE D 90 -1.15 36.93 -14.40
C PHE D 90 -2.24 36.27 -13.57
N THR D 91 -3.39 36.04 -14.20
CA THR D 91 -4.53 35.45 -13.52
C THR D 91 -5.01 34.22 -14.25
N ILE D 92 -5.31 33.17 -13.49
CA ILE D 92 -5.80 31.89 -14.01
C ILE D 92 -7.31 31.86 -13.89
N SER D 93 -7.96 31.18 -14.83
CA SER D 93 -9.39 30.99 -14.77
C SER D 93 -9.77 29.75 -15.57
N ARG D 94 -10.88 29.13 -15.18
CA ARG D 94 -11.30 27.87 -15.77
C ARG D 94 -12.79 27.93 -16.09
N ASP D 95 -13.14 27.73 -17.36
CA ASP D 95 -14.53 27.70 -17.79
C ASP D 95 -14.94 26.24 -17.99
N ASN D 96 -15.73 25.73 -17.05
CA ASN D 96 -16.21 24.36 -17.13
C ASN D 96 -17.20 24.19 -18.28
N ALA D 97 -18.10 25.15 -18.46
CA ALA D 97 -19.12 25.04 -19.50
C ALA D 97 -18.49 25.02 -20.89
N LYS D 98 -17.48 25.86 -21.11
CA LYS D 98 -16.79 25.91 -22.39
C LYS D 98 -15.63 24.93 -22.48
N ASN D 99 -15.38 24.16 -21.41
CA ASN D 99 -14.32 23.16 -21.39
C ASN D 99 -12.97 23.77 -21.74
N THR D 100 -12.66 24.89 -21.12
CA THR D 100 -11.46 25.63 -21.52
C THR D 100 -10.79 26.27 -20.32
N LEU D 101 -9.53 26.64 -20.52
CA LEU D 101 -8.69 27.27 -19.50
C LEU D 101 -8.14 28.57 -20.05
N TYR D 102 -8.24 29.65 -19.26
CA TYR D 102 -7.72 30.95 -19.65
C TYR D 102 -6.63 31.39 -18.69
N LEU D 103 -5.58 31.99 -19.27
CA LEU D 103 -4.56 32.72 -18.52
C LEU D 103 -4.53 34.14 -19.08
N GLN D 104 -4.78 35.13 -18.22
CA GLN D 104 -4.69 36.52 -18.66
C GLN D 104 -3.37 37.09 -18.17
N MET D 105 -2.61 37.67 -19.09
CA MET D 105 -1.28 38.21 -18.83
C MET D 105 -1.35 39.72 -19.01
N ASN D 106 -0.91 40.47 -18.00
CA ASN D 106 -0.87 41.92 -18.10
C ASN D 106 0.46 42.46 -17.58
N SER D 107 0.80 43.66 -18.03
CA SER D 107 2.09 44.29 -17.70
C SER D 107 3.24 43.35 -18.03
N LEU D 108 3.32 42.98 -19.31
CA LEU D 108 4.26 41.94 -19.74
C LEU D 108 5.70 42.42 -19.65
N LYS D 109 6.60 41.46 -19.58
CA LYS D 109 8.03 41.68 -19.48
C LYS D 109 8.75 40.86 -20.55
N PRO D 110 9.96 41.25 -20.93
CA PRO D 110 10.67 40.50 -21.98
C PRO D 110 10.95 39.05 -21.62
N GLU D 111 11.02 38.72 -20.34
CA GLU D 111 11.23 37.32 -19.94
C GLU D 111 10.00 36.45 -20.15
N ASP D 112 8.86 37.04 -20.47
CA ASP D 112 7.62 36.30 -20.64
C ASP D 112 7.47 35.67 -22.02
N THR D 113 8.40 35.93 -22.94
CA THR D 113 8.34 35.29 -24.24
C THR D 113 8.68 33.80 -24.11
N ALA D 114 7.78 32.95 -24.60
CA ALA D 114 7.89 31.51 -24.41
C ALA D 114 6.79 30.82 -25.19
N VAL D 115 6.90 29.50 -25.28
CA VAL D 115 5.83 28.66 -25.77
C VAL D 115 5.00 28.22 -24.56
N TYR D 116 3.70 28.45 -24.62
CA TYR D 116 2.81 28.21 -23.49
C TYR D 116 1.93 27.00 -23.75
N TYR D 117 1.83 26.14 -22.73
CA TYR D 117 1.09 24.88 -22.77
C TYR D 117 0.12 24.85 -21.60
N CYS D 118 -1.07 24.30 -21.83
CA CYS D 118 -1.96 23.97 -20.72
C CYS D 118 -1.96 22.46 -20.55
N ALA D 119 -1.71 22.02 -19.32
CA ALA D 119 -1.42 20.62 -19.03
C ALA D 119 -2.44 20.10 -18.02
N ARG D 120 -2.89 18.87 -18.24
CA ARG D 120 -3.68 18.16 -17.25
C ARG D 120 -2.75 17.48 -16.25
N CYS D 121 -3.16 17.46 -14.99
CA CYS D 121 -2.56 16.54 -14.05
C CYS D 121 -3.06 15.13 -14.34
N PRO D 122 -2.16 14.14 -14.36
CA PRO D 122 -2.52 12.84 -14.97
C PRO D 122 -3.70 12.13 -14.34
N ALA D 123 -3.94 12.33 -13.05
CA ALA D 123 -4.98 11.56 -12.39
C ALA D 123 -6.17 12.45 -12.03
N PRO D 124 -7.38 12.01 -12.32
CA PRO D 124 -8.57 12.76 -11.90
C PRO D 124 -8.86 12.59 -10.42
N PHE D 125 -9.54 13.59 -9.86
CA PHE D 125 -9.91 13.62 -8.44
C PHE D 125 -8.69 13.51 -7.54
N THR D 126 -7.57 14.09 -7.96
CA THR D 126 -6.34 14.05 -7.19
C THR D 126 -5.73 15.45 -7.10
N ARG D 127 -5.09 15.72 -5.96
CA ARG D 127 -4.41 16.98 -5.72
C ARG D 127 -2.93 16.92 -6.06
N ASP D 128 -2.46 15.81 -6.61
CA ASP D 128 -1.05 15.57 -6.92
C ASP D 128 -0.89 15.32 -8.41
N CYS D 129 0.23 15.77 -8.97
CA CYS D 129 0.51 15.50 -10.38
C CYS D 129 1.96 15.81 -10.74
N PHE D 130 2.41 15.17 -11.82
CA PHE D 130 3.79 15.20 -12.33
C PHE D 130 3.72 15.58 -13.81
N ASP D 131 3.76 16.87 -14.12
CA ASP D 131 3.45 17.31 -15.48
C ASP D 131 4.39 18.39 -16.01
N VAL D 132 5.65 18.38 -15.58
CA VAL D 132 6.62 19.35 -16.08
C VAL D 132 7.73 18.56 -16.79
N THR D 133 7.38 17.38 -17.29
CA THR D 133 8.37 16.47 -17.86
C THR D 133 9.15 17.13 -18.99
N SER D 134 10.46 16.92 -18.99
CA SER D 134 11.33 17.64 -19.93
C SER D 134 11.07 17.23 -21.38
N THR D 135 11.04 15.92 -21.66
CA THR D 135 10.99 15.46 -23.04
C THR D 135 9.57 15.39 -23.57
N THR D 136 8.74 14.54 -22.97
CA THR D 136 7.39 14.30 -23.47
C THR D 136 6.45 14.11 -22.30
N TYR D 137 5.30 14.80 -22.34
CA TYR D 137 4.19 14.54 -21.46
C TYR D 137 2.94 14.35 -22.30
N ALA D 138 2.22 13.25 -22.03
CA ALA D 138 1.20 12.78 -22.97
C ALA D 138 0.00 13.71 -23.02
N TYR D 139 -0.28 14.41 -21.92
CA TYR D 139 -1.52 15.17 -21.82
C TYR D 139 -1.22 16.66 -21.76
N ARG D 140 -0.29 17.12 -22.60
CA ARG D 140 0.04 18.53 -22.73
C ARG D 140 -0.33 19.02 -24.12
N GLY D 141 -0.73 20.29 -24.20
CA GLY D 141 -1.16 20.86 -25.46
C GLY D 141 -0.02 21.19 -26.39
N GLN D 142 -0.39 21.69 -27.57
CA GLN D 142 0.63 22.03 -28.57
C GLN D 142 1.32 23.35 -28.23
N GLY D 143 0.63 24.26 -27.55
CA GLY D 143 1.23 25.48 -27.09
C GLY D 143 1.13 26.61 -28.11
N THR D 144 1.31 27.84 -27.61
CA THR D 144 1.32 29.03 -28.46
C THR D 144 2.54 29.88 -28.13
N GLN D 145 3.09 30.53 -29.16
CA GLN D 145 4.24 31.39 -28.98
C GLN D 145 3.79 32.77 -28.51
N VAL D 146 4.39 33.25 -27.43
CA VAL D 146 4.09 34.57 -26.87
C VAL D 146 5.41 35.33 -26.81
N THR D 147 5.58 36.31 -27.68
CA THR D 147 6.78 37.13 -27.73
C THR D 147 6.46 38.51 -27.17
N VAL D 148 7.31 38.97 -26.27
CA VAL D 148 7.14 40.27 -25.61
C VAL D 148 8.34 41.12 -26.01
N SER D 149 8.15 41.98 -27.01
CA SER D 149 9.22 42.84 -27.49
C SER D 149 8.59 44.03 -28.21
N ILE E 9 11.46 16.80 -36.45
CA ILE E 9 10.93 16.47 -37.77
C ILE E 9 10.80 14.96 -37.92
N ALA E 10 11.75 14.19 -37.37
CA ALA E 10 11.68 12.74 -37.47
C ALA E 10 10.46 12.19 -36.74
N GLN E 11 10.15 12.74 -35.57
CA GLN E 11 8.96 12.29 -34.83
C GLN E 11 7.69 12.58 -35.62
N ALA E 12 7.61 13.77 -36.22
CA ALA E 12 6.43 14.10 -37.02
C ALA E 12 6.30 13.20 -38.23
N ARG E 13 7.41 12.91 -38.91
CA ARG E 13 7.38 12.03 -40.08
C ARG E 13 6.95 10.62 -39.68
N LYS E 14 7.48 10.11 -38.57
CA LYS E 14 7.10 8.79 -38.09
C LYS E 14 5.62 8.75 -37.71
N LEU E 15 5.13 9.80 -37.06
CA LEU E 15 3.71 9.86 -36.70
C LEU E 15 2.83 9.87 -37.94
N VAL E 16 3.23 10.64 -38.96
CA VAL E 16 2.45 10.70 -40.19
C VAL E 16 2.43 9.35 -40.88
N GLU E 17 3.59 8.68 -40.94
CA GLU E 17 3.65 7.36 -41.57
C GLU E 17 2.80 6.35 -40.82
N GLN E 18 2.85 6.37 -39.49
CA GLN E 18 2.05 5.45 -38.69
C GLN E 18 0.56 5.73 -38.86
N LEU E 19 0.18 7.01 -38.92
CA LEU E 19 -1.22 7.36 -39.15
C LEU E 19 -1.69 6.87 -40.52
N LYS E 20 -0.84 7.03 -41.54
CA LYS E 20 -1.18 6.53 -42.87
C LYS E 20 -1.35 5.01 -42.86
N MET E 21 -0.45 4.30 -42.17
CA MET E 21 -0.56 2.85 -42.09
C MET E 21 -1.84 2.43 -41.37
N GLU E 22 -2.18 3.12 -40.29
CA GLU E 22 -3.42 2.81 -39.57
C GLU E 22 -4.66 3.08 -40.42
N ALA E 23 -4.66 4.20 -41.16
CA ALA E 23 -5.80 4.51 -42.03
C ALA E 23 -5.90 3.56 -43.21
N ASN E 24 -4.78 3.00 -43.66
CA ASN E 24 -4.80 2.07 -44.78
C ASN E 24 -5.45 0.74 -44.45
N ILE E 25 -5.69 0.45 -43.17
CA ILE E 25 -6.30 -0.83 -42.80
C ILE E 25 -7.78 -0.82 -43.18
N ASP E 26 -8.35 -2.02 -43.23
CA ASP E 26 -9.75 -2.22 -43.55
C ASP E 26 -10.51 -2.63 -42.30
N ARG E 27 -11.56 -1.88 -41.97
CA ARG E 27 -12.35 -2.12 -40.77
C ARG E 27 -13.63 -2.87 -41.11
N ILE E 28 -14.29 -3.36 -40.06
CA ILE E 28 -15.53 -4.11 -40.20
C ILE E 28 -16.60 -3.46 -39.34
N LYS E 29 -17.84 -3.93 -39.51
CA LYS E 29 -18.96 -3.39 -38.76
C LYS E 29 -18.87 -3.79 -37.29
N VAL E 30 -19.28 -2.84 -36.42
CA VAL E 30 -19.29 -3.11 -34.99
C VAL E 30 -20.31 -4.19 -34.64
N SER E 31 -21.43 -4.23 -35.37
CA SER E 31 -22.43 -5.27 -35.14
C SER E 31 -21.86 -6.65 -35.38
N LYS E 32 -21.04 -6.80 -36.44
CA LYS E 32 -20.41 -8.09 -36.70
C LYS E 32 -19.46 -8.49 -35.57
N ALA E 33 -18.78 -7.49 -35.00
CA ALA E 33 -17.83 -7.70 -33.91
C ALA E 33 -18.50 -7.99 -32.59
N ALA E 34 -19.60 -7.31 -32.33
CA ALA E 34 -20.34 -7.58 -31.12
C ALA E 34 -20.77 -8.98 -31.32
N ALA E 35 -21.18 -9.30 -32.52
CA ALA E 35 -21.69 -10.61 -32.76
C ALA E 35 -20.63 -11.59 -32.50
N ASP E 36 -19.44 -11.35 -32.98
CA ASP E 36 -18.32 -12.27 -32.75
C ASP E 36 -17.95 -12.48 -31.28
N LEU E 37 -17.90 -11.41 -30.49
CA LEU E 37 -17.65 -11.60 -29.07
C LEU E 37 -18.78 -12.35 -28.36
N MET E 38 -20.01 -12.04 -28.72
CA MET E 38 -21.11 -12.69 -28.04
C MET E 38 -20.97 -14.13 -28.40
N ALA E 39 -20.56 -14.39 -29.62
CA ALA E 39 -20.44 -15.74 -30.09
C ALA E 39 -19.41 -16.50 -29.34
N TYR E 40 -18.26 -15.88 -29.10
CA TYR E 40 -17.23 -16.63 -28.45
C TYR E 40 -17.85 -16.98 -27.15
N CYS E 41 -18.49 -16.02 -26.51
CA CYS E 41 -19.00 -16.37 -25.20
C CYS E 41 -20.04 -17.48 -25.20
N GLU E 42 -20.98 -17.46 -26.10
CA GLU E 42 -22.03 -18.44 -26.01
C GLU E 42 -21.39 -19.77 -26.23
N ALA E 43 -20.46 -19.81 -27.15
CA ALA E 43 -19.83 -21.05 -27.47
C ALA E 43 -19.04 -21.64 -26.28
N HIS E 44 -18.31 -20.78 -25.57
CA HIS E 44 -17.49 -21.32 -24.48
C HIS E 44 -18.20 -21.28 -23.13
N ALA E 45 -19.49 -20.94 -23.17
CA ALA E 45 -20.18 -20.74 -21.90
C ALA E 45 -20.22 -22.00 -21.06
N LYS E 46 -20.34 -23.17 -21.71
CA LYS E 46 -20.42 -24.42 -20.97
C LYS E 46 -19.11 -24.72 -20.25
N GLU E 47 -17.98 -24.43 -20.89
CA GLU E 47 -16.66 -24.71 -20.33
C GLU E 47 -16.15 -23.61 -19.42
N ASP E 48 -17.04 -22.76 -18.89
CA ASP E 48 -16.65 -21.67 -18.01
C ASP E 48 -17.30 -21.89 -16.64
N PRO E 49 -16.59 -22.49 -15.69
CA PRO E 49 -17.23 -22.82 -14.40
C PRO E 49 -17.56 -21.59 -13.56
N LEU E 50 -16.97 -20.43 -13.85
CA LEU E 50 -17.23 -19.25 -13.04
C LEU E 50 -18.65 -18.75 -13.23
N LEU E 51 -19.13 -18.70 -14.48
CA LEU E 51 -20.49 -18.25 -14.73
C LEU E 51 -21.50 -19.33 -14.38
N THR E 52 -21.14 -20.59 -14.56
CA THR E 52 -21.98 -21.71 -14.13
C THR E 52 -21.21 -22.59 -13.17
#